data_7ZEJ
#
_entry.id   7ZEJ
#
_cell.length_a   46.830
_cell.length_b   51.410
_cell.length_c   75.880
_cell.angle_alpha   93.860
_cell.angle_beta   91.480
_cell.angle_gamma   101.290
#
_symmetry.space_group_name_H-M   'P 1'
#
loop_
_entity.id
_entity.type
_entity.pdbx_description
1 polymer 'Prostaglandin reductase 3'
2 non-polymer 'NADP NICOTINAMIDE-ADENINE-DINUCLEOTIDE PHOSPHATE'
3 non-polymer 4-[5-(4-METHYLPHENYL)-3-(TRIFLUOROMETHYL)-1H-PYRAZOL-1-YL]BENZENESULFONAMIDE
4 water water
#
_entity_poly.entity_id   1
_entity_poly.type   'polypeptide(L)'
_entity_poly.pdbx_seq_one_letter_code
;SMMQKLVVTRLSPNFREAVTLSRDCPVPLPGDGDLLVRNRFVGVNASDINYSAGRYDPSVKPPFDIGFEGIGEVVALGLS
ASARYTVGQAVAYMAPGSFAEYTVVPASIATPVPSVKPEYLTLLVSGTTAYISLKELGGLSEGKKVLVTAAAGGTGQFAM
QLSKKAKCHVIGTCSSDEKSAFLKSLGCDRPINYKTEPVGTVLKQEYPEGVDVVYESVGGAMFDLAVDALATKGRLIVIG
FISGYQTPTGLSPVKAGTLPAKLLKKSASVQGFFLNHYLSKYQAAMSHLLEMCVSGDLVCEVDLGDLSPEGRFTGLESIF
RAVNYMYMGKNTGKIVVELPH
;
_entity_poly.pdbx_strand_id   A,B
#
# COMPACT_ATOMS: atom_id res chain seq x y z
N SER A 1 4.96 37.71 23.87
CA SER A 1 4.00 38.13 24.91
C SER A 1 3.94 37.05 26.00
N MET A 2 2.82 36.94 26.72
CA MET A 2 2.52 35.84 27.68
C MET A 2 1.58 34.84 27.00
N MET A 3 1.50 33.60 27.52
CA MET A 3 0.51 32.60 27.05
C MET A 3 0.11 31.66 28.19
N GLN A 4 -0.98 30.93 27.97
CA GLN A 4 -1.45 29.83 28.84
C GLN A 4 -0.88 28.48 28.35
N LYS A 5 -0.56 27.58 29.27
CA LYS A 5 -0.29 26.17 28.92
C LYS A 5 -0.56 25.24 30.11
N LEU A 6 -0.86 23.98 29.80
CA LEU A 6 -1.00 22.92 30.84
C LEU A 6 0.41 22.45 31.19
N VAL A 7 0.66 22.23 32.48
CA VAL A 7 1.95 21.70 33.01
C VAL A 7 1.65 20.55 33.97
N VAL A 8 2.36 19.44 33.82
CA VAL A 8 2.32 18.34 34.82
C VAL A 8 3.16 18.83 36.02
N THR A 9 2.51 19.10 37.16
CA THR A 9 3.16 19.55 38.42
C THR A 9 3.30 18.38 39.40
N ARG A 10 2.51 17.32 39.25
CA ARG A 10 2.55 16.12 40.15
C ARG A 10 2.29 14.88 39.29
N LEU A 11 3.13 13.84 39.41
CA LEU A 11 2.92 12.54 38.75
C LEU A 11 1.68 11.86 39.33
N SER A 12 0.69 11.61 38.48
CA SER A 12 -0.54 10.87 38.86
C SER A 12 -1.33 10.60 37.60
N PRO A 13 -2.03 9.44 37.55
CA PRO A 13 -3.01 9.17 36.48
C PRO A 13 -4.32 9.95 36.62
N ASN A 14 -4.56 10.63 37.76
CA ASN A 14 -5.69 11.55 37.94
C ASN A 14 -5.31 12.90 37.29
N PHE A 15 -5.85 13.19 36.11
CA PHE A 15 -5.40 14.31 35.24
C PHE A 15 -5.61 15.65 35.99
N ARG A 16 -6.80 15.83 36.54
CA ARG A 16 -7.18 17.02 37.35
C ARG A 16 -6.16 17.21 38.48
N GLU A 17 -5.73 16.15 39.17
CA GLU A 17 -4.74 16.30 40.28
C GLU A 17 -3.28 16.40 39.79
N ALA A 18 -2.95 16.04 38.56
CA ALA A 18 -1.55 16.01 38.07
C ALA A 18 -1.18 17.33 37.37
N VAL A 19 -2.17 17.97 36.73
CA VAL A 19 -1.93 18.99 35.67
C VAL A 19 -2.51 20.32 36.10
N THR A 20 -1.68 21.38 36.04
CA THR A 20 -2.07 22.78 36.35
C THR A 20 -2.07 23.62 35.09
N LEU A 21 -3.06 24.51 34.97
CA LEU A 21 -3.13 25.57 33.91
C LEU A 21 -2.34 26.79 34.41
N SER A 22 -1.15 27.02 33.85
CA SER A 22 -0.34 28.25 34.02
C SER A 22 -0.86 29.33 33.06
N ARG A 23 -0.88 30.60 33.51
CA ARG A 23 -1.46 31.76 32.79
C ARG A 23 -0.39 32.82 32.43
N ASP A 24 0.84 32.69 32.94
CA ASP A 24 1.85 33.78 32.90
C ASP A 24 3.06 33.39 32.06
N CYS A 25 2.95 32.37 31.21
CA CYS A 25 4.13 31.70 30.59
C CYS A 25 4.65 32.52 29.42
N PRO A 26 5.98 32.60 29.22
CA PRO A 26 6.55 33.23 28.03
C PRO A 26 6.35 32.37 26.78
N VAL A 27 5.92 32.98 25.68
CA VAL A 27 5.87 32.34 24.33
C VAL A 27 7.29 31.94 23.92
N PRO A 28 7.61 30.64 23.75
CA PRO A 28 8.94 30.24 23.29
C PRO A 28 9.21 30.67 21.85
N LEU A 29 10.49 30.86 21.52
CA LEU A 29 10.93 31.38 20.20
C LEU A 29 11.54 30.23 19.42
N PRO A 30 11.24 30.10 18.12
CA PRO A 30 11.80 29.01 17.31
C PRO A 30 13.30 29.18 17.03
N GLY A 31 14.03 28.06 16.99
CA GLY A 31 15.39 27.93 16.44
C GLY A 31 15.38 27.95 14.92
N ASP A 32 16.56 27.80 14.34
CA ASP A 32 16.83 27.98 12.88
C ASP A 32 16.03 26.94 12.06
N GLY A 33 15.90 25.71 12.56
CA GLY A 33 15.14 24.62 11.91
C GLY A 33 13.76 24.43 12.51
N ASP A 34 13.21 25.39 13.27
CA ASP A 34 11.96 25.23 14.04
C ASP A 34 10.81 26.06 13.48
N LEU A 35 9.57 25.57 13.66
CA LEU A 35 8.32 26.34 13.51
C LEU A 35 7.81 26.74 14.91
N LEU A 36 7.22 27.93 15.02
CA LEU A 36 6.38 28.31 16.18
C LEU A 36 4.94 28.26 15.70
N VAL A 37 4.19 27.31 16.24
CA VAL A 37 2.79 27.05 15.79
C VAL A 37 1.84 27.62 16.83
N ARG A 38 0.87 28.40 16.38
CA ARG A 38 -0.29 28.83 17.20
C ARG A 38 -1.32 27.71 17.10
N ASN A 39 -1.55 26.99 18.20
CA ASN A 39 -2.45 25.81 18.21
C ASN A 39 -3.89 26.28 18.09
N ARG A 40 -4.60 25.76 17.11
CA ARG A 40 -6.04 26.04 16.95
C ARG A 40 -6.87 24.85 17.45
N PHE A 41 -6.47 23.61 17.16
CA PHE A 41 -7.10 22.37 17.70
C PHE A 41 -6.00 21.47 18.26
N VAL A 42 -6.23 20.89 19.44
CA VAL A 42 -5.31 19.93 20.12
C VAL A 42 -6.08 18.63 20.39
N GLY A 43 -5.37 17.50 20.34
CA GLY A 43 -5.97 16.16 20.48
C GLY A 43 -5.93 15.73 21.92
N VAL A 44 -7.01 15.15 22.40
CA VAL A 44 -7.01 14.43 23.69
C VAL A 44 -6.84 12.92 23.41
N ASN A 45 -5.95 12.30 24.18
CA ASN A 45 -5.47 10.92 23.97
C ASN A 45 -5.61 10.16 25.31
N ALA A 46 -6.17 8.95 25.24
CA ALA A 46 -6.32 8.06 26.42
C ALA A 46 -5.03 8.11 27.22
N SER A 47 -3.89 8.05 26.55
CA SER A 47 -2.55 8.02 27.20
C SER A 47 -2.05 9.39 27.68
N ASP A 48 -2.79 10.48 27.52
CA ASP A 48 -2.47 11.73 28.28
C ASP A 48 -2.36 11.40 29.79
N ILE A 49 -3.14 10.48 30.34
CA ILE A 49 -3.10 10.19 31.81
C ILE A 49 -1.96 9.21 32.14
N ASN A 50 -1.43 8.43 31.16
CA ASN A 50 -0.17 7.67 31.38
C ASN A 50 1.00 8.64 31.42
N TYR A 51 0.96 9.69 30.60
CA TYR A 51 2.03 10.71 30.49
C TYR A 51 2.07 11.51 31.78
N SER A 52 0.91 12.00 32.25
CA SER A 52 0.80 12.71 33.54
C SER A 52 1.22 11.79 34.70
N ALA A 53 1.08 10.47 34.55
CA ALA A 53 1.51 9.53 35.62
C ALA A 53 3.02 9.27 35.57
N GLY A 54 3.74 9.75 34.54
CA GLY A 54 5.19 9.55 34.41
C GLY A 54 5.57 8.17 33.90
N ARG A 55 4.66 7.46 33.23
CA ARG A 55 4.86 6.04 32.83
C ARG A 55 5.65 5.90 31.53
N TYR A 56 6.02 7.00 30.87
CA TYR A 56 6.77 6.98 29.59
C TYR A 56 8.28 6.98 29.89
N ASP A 57 8.78 7.96 30.63
CA ASP A 57 10.21 8.03 31.08
C ASP A 57 10.21 8.18 32.60
N PRO A 58 10.18 7.06 33.37
CA PRO A 58 10.13 7.13 34.84
C PRO A 58 11.38 7.74 35.48
N SER A 59 12.26 8.37 34.70
CA SER A 59 13.38 9.22 35.18
C SER A 59 12.94 10.69 35.33
N VAL A 60 11.97 11.15 34.52
CA VAL A 60 11.60 12.59 34.33
C VAL A 60 10.67 13.07 35.45
N LYS A 61 11.12 14.04 36.25
CA LYS A 61 10.35 14.67 37.37
C LYS A 61 9.55 15.84 36.82
N PRO A 62 8.40 16.20 37.45
CA PRO A 62 7.66 17.40 37.08
C PRO A 62 8.49 18.65 37.42
N PRO A 63 8.29 19.81 36.78
CA PRO A 63 7.25 20.00 35.78
C PRO A 63 7.72 19.67 34.35
N PHE A 64 6.77 19.32 33.48
CA PHE A 64 7.02 19.15 32.03
C PHE A 64 5.73 19.44 31.27
N ASP A 65 5.85 19.65 29.98
CA ASP A 65 4.70 19.93 29.07
C ASP A 65 3.97 18.61 28.79
N ILE A 66 2.80 18.74 28.17
CA ILE A 66 1.87 17.59 27.94
C ILE A 66 1.01 17.94 26.72
N GLY A 67 0.39 16.91 26.14
CA GLY A 67 -0.36 16.99 24.88
C GLY A 67 0.53 16.50 23.73
N PHE A 68 0.00 15.60 22.92
CA PHE A 68 0.79 14.80 21.95
C PHE A 68 0.68 15.34 20.52
N GLU A 69 -0.27 16.26 20.24
CA GLU A 69 -0.66 16.55 18.85
C GLU A 69 -1.41 17.89 18.75
N GLY A 70 -1.09 18.64 17.70
CA GLY A 70 -1.66 19.97 17.42
C GLY A 70 -1.80 20.21 15.93
N ILE A 71 -2.72 21.11 15.57
CA ILE A 71 -2.90 21.71 14.22
C ILE A 71 -3.08 23.24 14.39
N GLY A 72 -2.43 24.03 13.54
CA GLY A 72 -2.47 25.50 13.69
C GLY A 72 -1.73 26.19 12.57
N GLU A 73 -1.48 27.50 12.74
CA GLU A 73 -0.78 28.35 11.75
C GLU A 73 0.65 28.55 12.24
N VAL A 74 1.60 28.53 11.30
CA VAL A 74 2.99 29.01 11.53
C VAL A 74 2.90 30.53 11.72
N VAL A 75 3.26 31.03 12.89
CA VAL A 75 3.26 32.48 13.19
C VAL A 75 4.71 32.99 13.19
N ALA A 76 5.70 32.12 13.41
CA ALA A 76 7.14 32.46 13.32
C ALA A 76 7.96 31.21 12.98
N LEU A 77 9.12 31.36 12.36
CA LEU A 77 9.97 30.19 11.97
C LEU A 77 11.40 30.62 11.70
N GLY A 78 12.34 29.73 11.98
CA GLY A 78 13.77 29.89 11.68
C GLY A 78 14.03 30.01 10.18
N LEU A 79 15.21 30.51 9.83
CA LEU A 79 15.58 30.83 8.43
C LEU A 79 15.64 29.54 7.59
N SER A 80 16.32 28.50 8.09
CA SER A 80 16.40 27.20 7.37
C SER A 80 15.00 26.62 7.17
N ALA A 81 14.12 26.74 8.18
CA ALA A 81 12.73 26.19 8.14
C ALA A 81 11.93 26.90 7.05
N SER A 82 12.29 28.14 6.74
CA SER A 82 11.59 29.01 5.75
C SER A 82 11.83 28.49 4.32
N ALA A 83 12.76 27.56 4.15
CA ALA A 83 12.95 26.82 2.87
C ALA A 83 11.68 26.04 2.51
N ARG A 84 11.04 25.37 3.49
CA ARG A 84 9.86 24.48 3.24
C ARG A 84 8.56 25.14 3.70
N TYR A 85 8.59 26.00 4.71
CA TYR A 85 7.36 26.56 5.34
C TYR A 85 7.37 28.09 5.23
N THR A 86 6.18 28.67 5.31
CA THR A 86 5.96 30.15 5.29
C THR A 86 5.07 30.49 6.50
N VAL A 87 5.21 31.71 7.03
CA VAL A 87 4.30 32.29 8.05
C VAL A 87 2.87 32.32 7.47
N GLY A 88 1.87 31.95 8.26
CA GLY A 88 0.46 31.84 7.81
C GLY A 88 0.08 30.43 7.36
N GLN A 89 1.04 29.52 7.22
CA GLN A 89 0.80 28.20 6.60
C GLN A 89 0.19 27.26 7.66
N ALA A 90 -0.79 26.46 7.25
CA ALA A 90 -1.47 25.43 8.07
C ALA A 90 -0.53 24.23 8.29
N VAL A 91 -0.23 23.88 9.54
CA VAL A 91 0.61 22.68 9.84
C VAL A 91 -0.01 21.85 10.97
N ALA A 92 0.25 20.54 10.93
CA ALA A 92 -0.08 19.59 12.00
C ALA A 92 1.21 18.88 12.45
N TYR A 93 1.21 18.41 13.68
CA TYR A 93 2.39 17.75 14.28
C TYR A 93 1.94 16.83 15.41
N MET A 94 2.78 15.80 15.61
CA MET A 94 2.78 14.89 16.76
C MET A 94 4.11 15.11 17.47
N ALA A 95 4.06 15.77 18.62
CA ALA A 95 5.20 16.07 19.50
C ALA A 95 4.64 16.46 20.86
N PRO A 96 5.32 16.11 21.97
CA PRO A 96 4.88 16.49 23.31
C PRO A 96 4.77 18.01 23.51
N GLY A 97 3.82 18.47 24.33
CA GLY A 97 3.63 19.90 24.64
C GLY A 97 2.71 20.59 23.65
N SER A 98 1.72 19.91 23.10
CA SER A 98 0.69 20.54 22.25
C SER A 98 -0.33 21.34 23.10
N PHE A 99 -0.46 21.01 24.40
CA PHE A 99 -1.45 21.67 25.30
C PHE A 99 -0.86 23.03 25.73
N ALA A 100 -0.85 23.98 24.80
CA ALA A 100 -0.24 25.31 24.96
C ALA A 100 -0.80 26.20 23.85
N GLU A 101 -0.86 27.52 24.06
CA GLU A 101 -1.41 28.41 23.00
C GLU A 101 -0.46 28.39 21.80
N TYR A 102 0.83 28.26 22.08
CA TYR A 102 1.96 28.21 21.11
C TYR A 102 2.91 27.08 21.48
N THR A 103 3.34 26.30 20.46
CA THR A 103 4.31 25.19 20.62
C THR A 103 5.41 25.32 19.55
N VAL A 104 6.67 25.16 19.98
CA VAL A 104 7.86 25.09 19.07
C VAL A 104 7.97 23.64 18.56
N VAL A 105 8.03 23.46 17.24
CA VAL A 105 8.02 22.14 16.55
C VAL A 105 9.14 22.13 15.51
N PRO A 106 10.09 21.16 15.55
CA PRO A 106 11.04 20.97 14.46
C PRO A 106 10.33 20.93 13.11
N ALA A 107 10.80 21.70 12.11
CA ALA A 107 10.18 21.72 10.75
C ALA A 107 10.18 20.30 10.17
N SER A 108 11.15 19.50 10.57
CA SER A 108 11.42 18.13 10.06
C SER A 108 10.27 17.17 10.41
N ILE A 109 9.51 17.43 11.47
CA ILE A 109 8.42 16.49 11.88
C ILE A 109 7.05 17.08 11.60
N ALA A 110 6.94 18.32 11.12
CA ALA A 110 5.63 18.98 10.86
C ALA A 110 5.06 18.42 9.56
N THR A 111 3.74 18.27 9.48
CA THR A 111 3.00 17.81 8.28
C THR A 111 2.27 19.02 7.71
N PRO A 112 2.54 19.46 6.47
CA PRO A 112 1.74 20.54 5.89
C PRO A 112 0.34 19.99 5.63
N VAL A 113 -0.69 20.80 5.79
CA VAL A 113 -2.10 20.36 5.57
C VAL A 113 -2.80 21.44 4.75
N PRO A 114 -3.91 21.10 4.06
CA PRO A 114 -4.62 22.05 3.20
C PRO A 114 -5.23 23.27 3.91
N SER A 115 -5.63 23.11 5.16
CA SER A 115 -6.21 24.16 6.04
C SER A 115 -6.24 23.67 7.49
N VAL A 116 -6.60 24.56 8.41
CA VAL A 116 -6.74 24.23 9.86
C VAL A 116 -8.16 23.72 10.05
N LYS A 117 -8.31 22.39 9.96
CA LYS A 117 -9.55 21.66 10.28
C LYS A 117 -9.24 20.54 11.27
N PRO A 118 -10.17 20.27 12.21
CA PRO A 118 -9.97 19.21 13.20
C PRO A 118 -9.85 17.81 12.57
N GLU A 119 -10.55 17.57 11.46
CA GLU A 119 -10.52 16.31 10.67
C GLU A 119 -9.06 15.90 10.39
N TYR A 120 -8.19 16.85 10.03
CA TYR A 120 -6.78 16.52 9.71
C TYR A 120 -6.06 16.08 10.98
N LEU A 121 -6.39 16.66 12.14
CA LEU A 121 -5.69 16.33 13.40
C LEU A 121 -6.05 14.89 13.81
N THR A 122 -7.24 14.40 13.46
CA THR A 122 -7.66 13.01 13.80
C THR A 122 -6.67 12.00 13.22
N LEU A 123 -5.96 12.35 12.14
CA LEU A 123 -5.11 11.38 11.39
C LEU A 123 -3.78 11.16 12.10
N LEU A 124 -3.32 12.13 12.91
CA LEU A 124 -1.89 12.27 13.33
C LEU A 124 -1.43 11.12 14.25
N VAL A 125 -2.28 10.75 15.21
CA VAL A 125 -2.00 9.69 16.22
C VAL A 125 -3.03 8.57 16.02
N SER A 126 -4.33 8.90 16.00
CA SER A 126 -5.43 7.90 15.90
C SER A 126 -5.37 7.22 14.52
N GLY A 127 -5.28 8.01 13.45
CA GLY A 127 -5.23 7.48 12.06
C GLY A 127 -3.98 6.65 11.80
N THR A 128 -2.80 7.18 12.13
CA THR A 128 -1.50 6.53 11.81
C THR A 128 -1.37 5.24 12.64
N THR A 129 -1.84 5.23 13.89
CA THR A 129 -1.73 4.03 14.75
C THR A 129 -2.50 2.89 14.10
N ALA A 130 -3.74 3.13 13.66
CA ALA A 130 -4.58 2.08 13.05
C ALA A 130 -3.97 1.63 11.71
N TYR A 131 -3.48 2.59 10.90
CA TYR A 131 -2.95 2.34 9.54
C TYR A 131 -1.67 1.49 9.62
N ILE A 132 -0.68 1.96 10.38
CA ILE A 132 0.64 1.29 10.43
C ILE A 132 0.50 -0.09 11.11
N SER A 133 -0.20 -0.20 12.24
CA SER A 133 -0.38 -1.49 12.98
C SER A 133 -1.04 -2.53 12.07
N LEU A 134 -2.10 -2.16 11.34
CA LEU A 134 -2.86 -3.13 10.54
C LEU A 134 -2.08 -3.48 9.27
N LYS A 135 -1.39 -2.53 8.67
CA LYS A 135 -0.53 -2.81 7.48
C LYS A 135 0.66 -3.72 7.86
N GLU A 136 1.37 -3.37 8.92
CA GLU A 136 2.62 -4.09 9.29
C GLU A 136 2.29 -5.41 9.97
N LEU A 137 1.24 -5.51 10.80
CA LEU A 137 1.06 -6.67 11.71
C LEU A 137 -0.24 -7.44 11.45
N GLY A 138 -1.23 -6.88 10.73
CA GLY A 138 -2.58 -7.46 10.58
C GLY A 138 -2.71 -8.62 9.60
N GLY A 139 -1.88 -8.67 8.56
CA GLY A 139 -2.07 -9.66 7.46
C GLY A 139 -3.49 -9.60 6.91
N LEU A 140 -4.03 -8.40 6.72
CA LEU A 140 -5.41 -8.25 6.18
C LEU A 140 -5.44 -8.73 4.73
N SER A 141 -6.52 -9.42 4.34
CA SER A 141 -6.85 -9.84 2.96
C SER A 141 -8.35 -10.15 2.93
N GLU A 142 -8.92 -10.30 1.75
CA GLU A 142 -10.40 -10.40 1.57
C GLU A 142 -10.98 -11.56 2.39
N GLY A 143 -12.05 -11.33 3.16
CA GLY A 143 -12.75 -12.41 3.90
C GLY A 143 -12.20 -12.62 5.30
N LYS A 144 -11.07 -12.01 5.66
CA LYS A 144 -10.57 -12.07 7.06
C LYS A 144 -11.64 -11.43 7.96
N LYS A 145 -11.77 -11.95 9.17
CA LYS A 145 -12.72 -11.48 10.19
C LYS A 145 -11.93 -10.67 11.21
N VAL A 146 -12.34 -9.40 11.36
CA VAL A 146 -11.62 -8.39 12.19
C VAL A 146 -12.57 -7.93 13.31
N LEU A 147 -12.12 -8.06 14.56
CA LEU A 147 -12.82 -7.52 15.76
C LEU A 147 -12.08 -6.27 16.22
N VAL A 148 -12.75 -5.12 16.22
CA VAL A 148 -12.20 -3.84 16.72
C VAL A 148 -12.90 -3.46 18.04
N THR A 149 -12.15 -3.28 19.12
CA THR A 149 -12.72 -2.79 20.41
C THR A 149 -12.59 -1.26 20.45
N ALA A 150 -13.41 -0.59 21.26
CA ALA A 150 -13.58 0.87 21.28
C ALA A 150 -13.73 1.36 19.81
N ALA A 151 -14.60 0.70 19.04
CA ALA A 151 -14.64 0.81 17.57
C ALA A 151 -15.18 2.19 17.16
N ALA A 152 -15.91 2.88 18.05
CA ALA A 152 -16.51 4.21 17.73
C ALA A 152 -15.68 5.35 18.34
N GLY A 153 -14.47 5.03 18.82
CA GLY A 153 -13.50 6.00 19.36
C GLY A 153 -12.55 6.56 18.31
N GLY A 154 -11.60 7.37 18.77
CA GLY A 154 -10.61 8.09 17.95
C GLY A 154 -9.92 7.19 16.93
N THR A 155 -9.21 6.16 17.41
CA THR A 155 -8.42 5.24 16.55
C THR A 155 -9.36 4.15 16.03
N GLY A 156 -10.34 3.74 16.84
CA GLY A 156 -11.28 2.65 16.47
C GLY A 156 -11.96 2.93 15.15
N GLN A 157 -12.39 4.16 14.91
CA GLN A 157 -13.12 4.48 13.66
C GLN A 157 -12.23 4.18 12.44
N PHE A 158 -10.90 4.34 12.56
CA PHE A 158 -9.94 4.12 11.45
C PHE A 158 -9.67 2.63 11.30
N ALA A 159 -9.39 1.92 12.40
CA ALA A 159 -9.23 0.44 12.37
C ALA A 159 -10.46 -0.14 11.64
N MET A 160 -11.66 0.30 12.01
CA MET A 160 -12.91 -0.18 11.37
C MET A 160 -12.87 0.08 9.85
N GLN A 161 -12.72 1.33 9.39
CA GLN A 161 -12.78 1.70 7.94
C GLN A 161 -11.64 1.06 7.12
N LEU A 162 -10.41 1.09 7.63
CA LEU A 162 -9.23 0.54 6.89
C LEU A 162 -9.43 -0.97 6.71
N SER A 163 -9.99 -1.66 7.69
CA SER A 163 -10.30 -3.12 7.61
C SER A 163 -11.37 -3.37 6.54
N LYS A 164 -12.46 -2.59 6.53
CA LYS A 164 -13.48 -2.64 5.43
C LYS A 164 -12.84 -2.36 4.06
N LYS A 165 -11.89 -1.43 3.94
CA LYS A 165 -11.24 -1.16 2.62
C LYS A 165 -10.33 -2.32 2.19
N ALA A 166 -9.79 -3.11 3.13
CA ALA A 166 -9.02 -4.35 2.87
C ALA A 166 -9.98 -5.52 2.61
N LYS A 167 -11.29 -5.25 2.43
CA LYS A 167 -12.36 -6.22 2.09
C LYS A 167 -12.57 -7.25 3.20
N CYS A 168 -12.37 -6.85 4.47
CA CYS A 168 -12.58 -7.73 5.65
C CYS A 168 -14.02 -7.64 6.13
N HIS A 169 -14.47 -8.68 6.82
CA HIS A 169 -15.73 -8.68 7.61
C HIS A 169 -15.39 -8.13 9.00
N VAL A 170 -16.11 -7.09 9.43
CA VAL A 170 -15.66 -6.32 10.63
C VAL A 170 -16.76 -6.29 11.70
N ILE A 171 -16.33 -6.66 12.90
CA ILE A 171 -17.11 -6.59 14.17
C ILE A 171 -16.58 -5.43 14.99
N GLY A 172 -17.47 -4.58 15.53
CA GLY A 172 -17.08 -3.43 16.35
C GLY A 172 -17.82 -3.43 17.68
N THR A 173 -17.11 -3.24 18.79
CA THR A 173 -17.72 -3.04 20.14
C THR A 173 -17.77 -1.55 20.49
N CYS A 174 -18.83 -1.17 21.22
CA CYS A 174 -19.15 0.20 21.69
C CYS A 174 -20.21 0.10 22.80
N SER A 175 -20.44 1.18 23.53
CA SER A 175 -21.30 1.16 24.73
C SER A 175 -22.67 1.82 24.50
N SER A 176 -23.14 2.09 23.28
CA SER A 176 -24.48 2.73 23.09
C SER A 176 -25.06 2.44 21.70
N ASP A 177 -26.39 2.56 21.58
CA ASP A 177 -27.13 2.36 20.30
C ASP A 177 -26.77 3.48 19.31
N GLU A 178 -26.49 4.67 19.81
CA GLU A 178 -26.06 5.83 18.97
C GLU A 178 -24.71 5.46 18.36
N LYS A 179 -23.77 4.98 19.18
CA LYS A 179 -22.45 4.52 18.71
C LYS A 179 -22.62 3.36 17.72
N SER A 180 -23.51 2.39 18.02
CA SER A 180 -23.77 1.25 17.08
C SER A 180 -24.26 1.79 15.74
N ALA A 181 -25.13 2.80 15.72
CA ALA A 181 -25.65 3.39 14.46
C ALA A 181 -24.51 4.11 13.70
N PHE A 182 -23.60 4.79 14.40
CA PHE A 182 -22.34 5.36 13.82
C PHE A 182 -21.50 4.25 13.17
N LEU A 183 -21.29 3.12 13.85
CA LEU A 183 -20.54 1.97 13.28
C LEU A 183 -21.23 1.47 12.01
N LYS A 184 -22.55 1.29 12.03
CA LYS A 184 -23.29 0.82 10.82
C LYS A 184 -23.07 1.77 9.62
N SER A 185 -22.98 3.08 9.86
CA SER A 185 -22.79 4.09 8.78
C SER A 185 -21.35 4.02 8.24
N LEU A 186 -20.39 3.51 9.02
CA LEU A 186 -18.99 3.24 8.55
C LEU A 186 -18.87 1.89 7.80
N GLY A 187 -19.97 1.13 7.65
CA GLY A 187 -19.98 -0.19 7.01
C GLY A 187 -19.62 -1.33 7.95
N CYS A 188 -19.62 -1.12 9.27
CA CYS A 188 -19.38 -2.23 10.24
C CYS A 188 -20.41 -3.33 10.00
N ASP A 189 -19.97 -4.58 9.78
CA ASP A 189 -20.86 -5.75 9.54
C ASP A 189 -21.62 -6.12 10.81
N ARG A 190 -21.03 -5.97 11.99
CA ARG A 190 -21.67 -6.42 13.24
C ARG A 190 -21.27 -5.49 14.38
N PRO A 191 -21.97 -4.36 14.51
CA PRO A 191 -21.86 -3.53 15.70
C PRO A 191 -22.36 -4.34 16.88
N ILE A 192 -21.68 -4.25 18.01
CA ILE A 192 -22.16 -4.84 19.29
C ILE A 192 -22.19 -3.74 20.36
N ASN A 193 -23.36 -3.47 20.93
CA ASN A 193 -23.45 -2.68 22.19
C ASN A 193 -23.13 -3.66 23.33
N TYR A 194 -21.92 -3.63 23.89
CA TYR A 194 -21.48 -4.58 24.94
C TYR A 194 -22.20 -4.36 26.27
N LYS A 195 -22.97 -3.27 26.43
CA LYS A 195 -23.77 -2.99 27.65
C LYS A 195 -25.09 -3.77 27.59
N THR A 196 -25.61 -4.02 26.39
CA THR A 196 -26.97 -4.61 26.17
C THR A 196 -26.90 -6.01 25.57
N GLU A 197 -25.73 -6.45 25.06
CA GLU A 197 -25.49 -7.76 24.40
C GLU A 197 -24.21 -8.36 24.97
N PRO A 198 -24.20 -9.62 25.45
CA PRO A 198 -22.97 -10.24 25.94
C PRO A 198 -22.07 -10.53 24.72
N VAL A 199 -20.91 -9.88 24.66
CA VAL A 199 -19.97 -9.98 23.49
C VAL A 199 -19.52 -11.43 23.28
N GLY A 200 -19.14 -12.13 24.36
CA GLY A 200 -18.70 -13.54 24.32
C GLY A 200 -19.70 -14.42 23.60
N THR A 201 -20.99 -14.23 23.87
CA THR A 201 -22.07 -15.07 23.30
C THR A 201 -22.25 -14.74 21.82
N VAL A 202 -22.29 -13.46 21.47
CA VAL A 202 -22.36 -13.06 20.04
C VAL A 202 -21.24 -13.78 19.27
N LEU A 203 -19.98 -13.70 19.75
CA LEU A 203 -18.80 -14.28 19.03
C LEU A 203 -18.94 -15.81 18.92
N LYS A 204 -19.23 -16.50 20.04
CA LYS A 204 -19.46 -17.97 20.05
C LYS A 204 -20.59 -18.35 19.07
N GLN A 205 -21.72 -17.66 19.09
CA GLN A 205 -22.91 -18.05 18.26
C GLN A 205 -22.71 -17.60 16.81
N GLU A 206 -22.19 -16.40 16.56
CA GLU A 206 -22.19 -15.87 15.17
C GLU A 206 -20.84 -16.09 14.48
N TYR A 207 -19.77 -16.36 15.24
CA TYR A 207 -18.39 -16.53 14.74
C TYR A 207 -17.76 -17.75 15.42
N PRO A 208 -18.42 -18.93 15.36
CA PRO A 208 -17.90 -20.14 16.00
C PRO A 208 -16.49 -20.55 15.56
N GLU A 209 -16.08 -20.29 14.32
CA GLU A 209 -14.70 -20.58 13.84
C GLU A 209 -13.71 -19.52 14.34
N GLY A 210 -14.19 -18.42 14.93
CA GLY A 210 -13.34 -17.38 15.53
C GLY A 210 -13.08 -16.24 14.56
N VAL A 211 -12.31 -15.26 15.02
CA VAL A 211 -11.91 -14.03 14.27
C VAL A 211 -10.41 -14.12 13.98
N ASP A 212 -10.00 -13.59 12.82
CA ASP A 212 -8.58 -13.68 12.34
C ASP A 212 -7.69 -12.62 12.97
N VAL A 213 -8.25 -11.42 13.23
CA VAL A 213 -7.48 -10.26 13.74
C VAL A 213 -8.31 -9.55 14.84
N VAL A 214 -7.68 -9.18 15.95
CA VAL A 214 -8.33 -8.29 16.96
C VAL A 214 -7.50 -7.02 17.10
N TYR A 215 -8.14 -5.87 16.84
CA TYR A 215 -7.58 -4.54 17.17
C TYR A 215 -8.03 -4.23 18.60
N GLU A 216 -7.21 -4.59 19.60
CA GLU A 216 -7.62 -4.62 21.02
C GLU A 216 -6.99 -3.44 21.76
N SER A 217 -7.82 -2.52 22.23
CA SER A 217 -7.33 -1.27 22.87
C SER A 217 -8.00 -1.06 24.23
N VAL A 218 -8.81 -2.03 24.70
CA VAL A 218 -9.59 -1.91 25.96
C VAL A 218 -8.92 -2.68 27.12
N GLY A 219 -8.43 -3.89 26.91
CA GLY A 219 -7.81 -4.69 28.00
C GLY A 219 -8.86 -5.33 28.90
N GLY A 220 -8.41 -5.97 30.00
CA GLY A 220 -9.29 -6.58 31.03
C GLY A 220 -10.14 -7.69 30.46
N ALA A 221 -11.42 -7.72 30.81
CA ALA A 221 -12.39 -8.76 30.39
C ALA A 221 -12.46 -8.80 28.86
N MET A 222 -12.31 -7.65 28.18
CA MET A 222 -12.44 -7.59 26.70
C MET A 222 -11.24 -8.29 26.06
N PHE A 223 -10.03 -8.10 26.60
CA PHE A 223 -8.82 -8.87 26.17
C PHE A 223 -9.06 -10.39 26.34
N ASP A 224 -9.44 -10.85 27.53
CA ASP A 224 -9.66 -12.31 27.80
C ASP A 224 -10.59 -12.92 26.74
N LEU A 225 -11.70 -12.24 26.50
CA LEU A 225 -12.76 -12.60 25.54
C LEU A 225 -12.21 -12.63 24.10
N ALA A 226 -11.40 -11.64 23.72
CA ALA A 226 -10.77 -11.58 22.37
C ALA A 226 -9.84 -12.78 22.14
N VAL A 227 -9.02 -13.16 23.15
CA VAL A 227 -8.11 -14.34 23.07
C VAL A 227 -8.98 -15.57 22.82
N ASP A 228 -10.05 -15.73 23.58
CA ASP A 228 -10.94 -16.92 23.45
C ASP A 228 -11.55 -16.93 22.05
N ALA A 229 -11.81 -15.78 21.43
CA ALA A 229 -12.52 -15.70 20.11
C ALA A 229 -11.56 -15.87 18.93
N LEU A 230 -10.24 -15.98 19.15
CA LEU A 230 -9.27 -16.10 18.02
C LEU A 230 -9.47 -17.43 17.27
N ALA A 231 -9.58 -17.34 15.96
CA ALA A 231 -9.40 -18.45 14.97
C ALA A 231 -8.00 -19.07 15.07
N THR A 232 -7.84 -20.26 14.49
CA THR A 232 -6.52 -20.85 14.17
C THR A 232 -5.67 -19.80 13.44
N LYS A 233 -4.43 -19.60 13.88
CA LYS A 233 -3.46 -18.63 13.33
C LYS A 233 -3.95 -17.19 13.50
N GLY A 234 -4.88 -16.94 14.43
CA GLY A 234 -5.41 -15.60 14.73
C GLY A 234 -4.34 -14.70 15.31
N ARG A 235 -4.53 -13.39 15.14
CA ARG A 235 -3.55 -12.37 15.59
C ARG A 235 -4.26 -11.37 16.50
N LEU A 236 -3.87 -11.27 17.77
CA LEU A 236 -4.41 -10.21 18.64
C LEU A 236 -3.34 -9.11 18.72
N ILE A 237 -3.67 -7.90 18.26
CA ILE A 237 -2.73 -6.74 18.37
C ILE A 237 -3.10 -5.97 19.62
N VAL A 238 -2.15 -5.84 20.56
CA VAL A 238 -2.32 -4.98 21.77
C VAL A 238 -1.95 -3.56 21.37
N ILE A 239 -3.00 -2.78 21.07
CA ILE A 239 -2.95 -1.32 20.80
C ILE A 239 -2.92 -0.57 22.15
N GLY A 240 -3.65 -1.07 23.15
CA GLY A 240 -3.75 -0.44 24.48
C GLY A 240 -4.65 -1.22 25.43
N PHE A 241 -4.89 -0.70 26.62
CA PHE A 241 -5.73 -1.34 27.66
C PHE A 241 -6.31 -0.23 28.54
N ILE A 242 -7.12 0.65 27.93
CA ILE A 242 -7.64 1.90 28.56
C ILE A 242 -8.40 1.60 29.87
N SER A 243 -8.97 0.41 30.02
CA SER A 243 -9.69 -0.04 31.25
C SER A 243 -8.73 -0.03 32.46
N GLY A 244 -7.42 -0.08 32.25
CA GLY A 244 -6.42 -0.13 33.34
C GLY A 244 -5.78 1.22 33.67
N TYR A 245 -5.85 2.22 32.78
CA TYR A 245 -4.93 3.41 32.84
C TYR A 245 -5.21 4.28 34.09
N GLN A 246 -6.44 4.29 34.61
CA GLN A 246 -6.80 5.06 35.84
C GLN A 246 -6.30 4.40 37.11
N THR A 247 -5.75 3.18 37.04
CA THR A 247 -5.37 2.41 38.25
C THR A 247 -3.98 2.90 38.66
N PRO A 248 -3.54 2.61 39.90
CA PRO A 248 -2.20 2.99 40.37
C PRO A 248 -1.04 2.53 39.46
N THR A 249 -1.11 1.32 38.91
CA THR A 249 -0.05 0.75 38.04
C THR A 249 -0.32 1.06 36.57
N GLY A 250 -1.58 1.35 36.22
CA GLY A 250 -2.01 1.59 34.83
C GLY A 250 -2.38 0.29 34.11
N LEU A 251 -2.34 -0.84 34.82
CA LEU A 251 -2.63 -2.18 34.26
C LEU A 251 -4.10 -2.53 34.53
N SER A 252 -4.73 -3.31 33.64
CA SER A 252 -6.08 -3.91 33.84
C SER A 252 -5.93 -5.39 34.17
N PRO A 253 -6.63 -5.94 35.18
CA PRO A 253 -6.58 -7.39 35.45
C PRO A 253 -7.06 -8.23 34.25
N VAL A 254 -6.27 -9.25 33.91
CA VAL A 254 -6.61 -10.26 32.87
C VAL A 254 -6.52 -11.64 33.51
N LYS A 255 -7.30 -12.60 33.01
CA LYS A 255 -7.27 -14.04 33.41
C LYS A 255 -6.40 -14.77 32.39
N ALA A 256 -5.09 -14.50 32.42
CA ALA A 256 -4.15 -14.86 31.34
C ALA A 256 -3.11 -15.90 31.82
N GLY A 257 -3.36 -16.58 32.94
CA GLY A 257 -2.53 -17.75 33.35
C GLY A 257 -2.50 -18.85 32.30
N THR A 258 -3.57 -18.99 31.51
CA THR A 258 -3.71 -20.02 30.44
C THR A 258 -3.40 -19.42 29.05
N LEU A 259 -2.88 -18.19 28.97
CA LEU A 259 -2.72 -17.52 27.65
C LEU A 259 -1.72 -18.30 26.79
N PRO A 260 -0.53 -18.72 27.29
CA PRO A 260 0.42 -19.48 26.47
C PRO A 260 -0.19 -20.78 25.92
N ALA A 261 -0.97 -21.48 26.75
CA ALA A 261 -1.64 -22.74 26.37
C ALA A 261 -2.61 -22.42 25.23
N LYS A 262 -3.45 -21.39 25.35
CA LYS A 262 -4.46 -21.05 24.29
C LYS A 262 -3.78 -20.66 22.98
N LEU A 263 -2.70 -19.87 23.01
CA LEU A 263 -1.95 -19.44 21.80
C LEU A 263 -1.30 -20.67 21.15
N LEU A 264 -0.65 -21.54 21.94
CA LEU A 264 -0.07 -22.78 21.37
C LEU A 264 -1.17 -23.60 20.69
N LYS A 265 -2.30 -23.81 21.36
CA LYS A 265 -3.38 -24.71 20.84
C LYS A 265 -4.03 -24.15 19.58
N LYS A 266 -3.94 -22.85 19.34
CA LYS A 266 -4.57 -22.22 18.16
C LYS A 266 -3.50 -21.76 17.17
N SER A 267 -2.22 -22.00 17.45
CA SER A 267 -1.10 -21.39 16.68
C SER A 267 -1.36 -19.87 16.51
N ALA A 268 -1.83 -19.18 17.57
CA ALA A 268 -2.24 -17.76 17.51
C ALA A 268 -1.17 -16.89 18.20
N SER A 269 -1.25 -15.58 17.99
CA SER A 269 -0.25 -14.61 18.54
C SER A 269 -0.90 -13.43 19.25
N VAL A 270 -0.15 -12.85 20.17
CA VAL A 270 -0.45 -11.57 20.84
C VAL A 270 0.72 -10.69 20.52
N GLN A 271 0.47 -9.59 19.82
CA GLN A 271 1.55 -8.74 19.28
C GLN A 271 1.32 -7.33 19.81
N GLY A 272 2.29 -6.80 20.55
CA GLY A 272 2.31 -5.41 20.98
C GLY A 272 2.61 -4.45 19.84
N PHE A 273 2.05 -3.24 19.92
CA PHE A 273 2.33 -2.14 18.97
C PHE A 273 2.45 -0.81 19.72
N PHE A 274 3.60 -0.15 19.53
CA PHE A 274 3.90 1.22 20.02
C PHE A 274 4.27 2.08 18.81
N LEU A 275 3.47 3.13 18.55
CA LEU A 275 3.62 3.98 17.33
C LEU A 275 5.07 4.46 17.19
N ASN A 276 5.74 4.83 18.28
CA ASN A 276 7.09 5.45 18.23
C ASN A 276 8.17 4.46 17.76
N HIS A 277 7.88 3.16 17.70
CA HIS A 277 8.82 2.13 17.19
C HIS A 277 8.68 1.99 15.68
N TYR A 278 7.74 2.70 15.05
CA TYR A 278 7.41 2.50 13.61
C TYR A 278 7.40 3.84 12.86
N LEU A 279 8.19 4.79 13.32
CA LEU A 279 8.20 6.15 12.73
C LEU A 279 8.76 6.13 11.30
N SER A 280 9.53 5.11 10.90
CA SER A 280 9.99 5.04 9.48
C SER A 280 8.78 4.87 8.54
N LYS A 281 7.61 4.43 9.06
CA LYS A 281 6.36 4.24 8.27
C LYS A 281 5.43 5.46 8.35
N TYR A 282 5.69 6.40 9.25
CA TYR A 282 4.71 7.46 9.63
C TYR A 282 4.35 8.35 8.41
N GLN A 283 5.35 8.82 7.67
CA GLN A 283 5.14 9.82 6.60
C GLN A 283 4.26 9.24 5.49
N ALA A 284 4.52 8.01 5.06
CA ALA A 284 3.71 7.33 4.04
C ALA A 284 2.27 7.11 4.57
N ALA A 285 2.11 6.69 5.82
CA ALA A 285 0.78 6.47 6.44
C ALA A 285 -0.02 7.79 6.39
N MET A 286 0.60 8.87 6.87
CA MET A 286 -0.06 10.20 7.00
C MET A 286 -0.41 10.72 5.60
N SER A 287 0.49 10.58 4.64
CA SER A 287 0.21 10.97 3.23
C SER A 287 -1.03 10.22 2.73
N HIS A 288 -1.09 8.90 2.89
CA HIS A 288 -2.26 8.12 2.40
C HIS A 288 -3.51 8.57 3.18
N LEU A 289 -3.43 8.71 4.50
CA LEU A 289 -4.66 9.06 5.28
C LEU A 289 -5.20 10.42 4.82
N LEU A 290 -4.29 11.38 4.61
CA LEU A 290 -4.62 12.74 4.16
C LEU A 290 -5.35 12.72 2.81
N GLU A 291 -4.82 11.97 1.83
CA GLU A 291 -5.47 11.80 0.51
C GLU A 291 -6.92 11.33 0.69
N MET A 292 -7.14 10.30 1.50
CA MET A 292 -8.50 9.70 1.65
C MET A 292 -9.42 10.67 2.40
N CYS A 293 -8.89 11.39 3.39
CA CYS A 293 -9.69 12.36 4.18
C CYS A 293 -10.11 13.52 3.25
N VAL A 294 -9.18 14.11 2.51
CA VAL A 294 -9.52 15.27 1.61
C VAL A 294 -10.50 14.82 0.50
N SER A 295 -10.35 13.62 -0.04
N SER A 295 -10.35 13.61 -0.03
CA SER A 295 -11.18 13.10 -1.16
CA SER A 295 -11.17 13.09 -1.15
C SER A 295 -12.60 12.77 -0.67
C SER A 295 -12.57 12.70 -0.67
N GLY A 296 -12.79 12.59 0.65
CA GLY A 296 -14.07 12.14 1.21
C GLY A 296 -14.19 10.62 1.19
N ASP A 297 -13.07 9.92 1.08
CA ASP A 297 -13.04 8.44 1.03
C ASP A 297 -12.94 7.88 2.45
N LEU A 298 -12.81 8.74 3.46
CA LEU A 298 -12.57 8.34 4.87
C LEU A 298 -13.35 9.30 5.78
N VAL A 299 -14.20 8.77 6.65
CA VAL A 299 -14.91 9.54 7.71
C VAL A 299 -13.88 9.78 8.82
N CYS A 300 -13.66 11.05 9.16
CA CYS A 300 -12.72 11.50 10.20
C CYS A 300 -13.56 12.21 11.27
N GLU A 301 -14.31 11.44 12.05
CA GLU A 301 -15.33 11.96 12.99
C GLU A 301 -14.62 12.71 14.11
N VAL A 302 -15.08 13.93 14.37
CA VAL A 302 -14.55 14.80 15.45
C VAL A 302 -15.61 14.97 16.52
N ASP A 303 -15.26 14.75 17.79
CA ASP A 303 -16.14 15.07 18.94
C ASP A 303 -15.57 16.30 19.65
N LEU A 304 -16.14 17.47 19.41
CA LEU A 304 -15.71 18.77 20.01
C LEU A 304 -16.56 19.08 21.26
N GLY A 305 -17.30 18.09 21.78
CA GLY A 305 -18.08 18.22 23.03
C GLY A 305 -19.41 18.96 22.85
N ASP A 306 -19.85 19.24 21.62
CA ASP A 306 -21.03 20.09 21.32
C ASP A 306 -22.30 19.50 21.92
N LEU A 307 -22.30 18.22 22.30
CA LEU A 307 -23.46 17.54 22.93
C LEU A 307 -23.06 17.03 24.33
N SER A 308 -21.97 17.50 24.92
CA SER A 308 -21.57 17.18 26.32
C SER A 308 -22.36 18.07 27.28
N PRO A 309 -22.30 17.87 28.62
CA PRO A 309 -23.15 18.62 29.53
C PRO A 309 -22.82 20.13 29.43
N GLU A 310 -21.53 20.49 29.47
CA GLU A 310 -21.06 21.90 29.48
C GLU A 310 -20.76 22.40 28.05
N GLY A 311 -21.13 21.66 27.02
CA GLY A 311 -21.05 22.12 25.62
C GLY A 311 -19.62 22.07 25.08
N ARG A 312 -19.39 22.75 23.96
CA ARG A 312 -18.13 22.69 23.19
C ARG A 312 -16.88 22.77 24.06
N PHE A 313 -15.87 21.91 23.80
CA PHE A 313 -14.57 21.97 24.50
C PHE A 313 -13.77 23.16 23.95
N THR A 314 -13.87 24.31 24.62
CA THR A 314 -13.20 25.56 24.19
C THR A 314 -12.21 25.95 25.27
N GLY A 315 -10.98 26.23 24.83
CA GLY A 315 -9.86 26.66 25.67
C GLY A 315 -9.13 25.48 26.29
N LEU A 316 -7.92 25.73 26.78
CA LEU A 316 -7.08 24.75 27.50
C LEU A 316 -7.82 24.23 28.74
N GLU A 317 -8.62 25.06 29.40
CA GLU A 317 -9.32 24.70 30.65
C GLU A 317 -10.34 23.59 30.35
N SER A 318 -10.83 23.48 29.13
CA SER A 318 -11.83 22.45 28.74
C SER A 318 -11.15 21.08 28.58
N ILE A 319 -9.81 21.01 28.63
CA ILE A 319 -9.10 19.71 28.45
C ILE A 319 -9.42 18.80 29.64
N PHE A 320 -9.52 19.33 30.86
CA PHE A 320 -9.91 18.53 32.05
C PHE A 320 -11.27 17.87 31.79
N ARG A 321 -12.26 18.62 31.26
CA ARG A 321 -13.63 18.16 30.94
C ARG A 321 -13.56 17.08 29.84
N ALA A 322 -12.69 17.31 28.86
CA ALA A 322 -12.56 16.45 27.65
C ALA A 322 -12.01 15.08 28.07
N VAL A 323 -11.00 15.06 28.93
CA VAL A 323 -10.41 13.80 29.46
C VAL A 323 -11.48 13.03 30.24
N ASN A 324 -12.19 13.66 31.18
CA ASN A 324 -13.30 13.01 31.93
C ASN A 324 -14.34 12.45 30.97
N TYR A 325 -14.72 13.18 29.91
CA TYR A 325 -15.69 12.75 28.86
C TYR A 325 -15.23 11.41 28.24
N MET A 326 -13.94 11.29 27.95
CA MET A 326 -13.39 10.06 27.32
C MET A 326 -13.56 8.91 28.32
N TYR A 327 -13.19 9.13 29.58
CA TYR A 327 -13.08 8.05 30.59
C TYR A 327 -14.48 7.72 31.13
N MET A 328 -15.48 8.53 30.79
CA MET A 328 -16.90 8.19 31.01
C MET A 328 -17.45 7.49 29.77
N GLY A 329 -16.65 7.31 28.72
CA GLY A 329 -17.05 6.54 27.53
C GLY A 329 -18.07 7.24 26.66
N LYS A 330 -18.10 8.58 26.65
CA LYS A 330 -19.24 9.36 26.05
C LYS A 330 -18.99 9.71 24.58
N ASN A 331 -17.75 9.69 24.11
CA ASN A 331 -17.34 10.29 22.80
C ASN A 331 -17.66 9.34 21.65
N THR A 332 -18.02 9.93 20.52
CA THR A 332 -18.10 9.27 19.19
C THR A 332 -17.06 9.95 18.31
N GLY A 333 -16.06 9.20 17.85
CA GLY A 333 -14.93 9.77 17.10
C GLY A 333 -13.87 10.34 18.03
N LYS A 334 -12.96 11.14 17.47
CA LYS A 334 -11.78 11.73 18.12
C LYS A 334 -12.19 12.95 18.97
N ILE A 335 -11.81 12.97 20.24
CA ILE A 335 -12.01 14.14 21.14
C ILE A 335 -10.95 15.19 20.78
N VAL A 336 -11.43 16.36 20.36
CA VAL A 336 -10.59 17.52 19.96
C VAL A 336 -11.01 18.73 20.83
N VAL A 337 -10.03 19.55 21.23
CA VAL A 337 -10.29 20.83 21.96
C VAL A 337 -9.91 21.98 21.02
N GLU A 338 -10.75 23.01 20.98
CA GLU A 338 -10.55 24.22 20.13
C GLU A 338 -9.96 25.33 21.02
N LEU A 339 -8.90 25.98 20.55
CA LEU A 339 -8.32 27.21 21.15
C LEU A 339 -8.65 28.38 20.24
N PRO A 340 -9.78 29.10 20.41
CA PRO A 340 -10.19 30.10 19.41
C PRO A 340 -9.27 31.34 19.40
N HIS A 341 -9.11 31.98 18.25
CA HIS A 341 -8.30 33.23 18.08
C HIS A 341 -8.83 34.04 16.88
N SER B 1 -3.15 -37.45 -25.41
CA SER B 1 -4.61 -37.69 -25.17
C SER B 1 -5.10 -37.01 -23.87
N MET B 2 -4.33 -37.10 -22.80
CA MET B 2 -4.55 -36.44 -21.48
C MET B 2 -3.45 -35.39 -21.28
N MET B 3 -3.72 -34.27 -20.59
CA MET B 3 -2.68 -33.26 -20.27
C MET B 3 -2.95 -32.54 -18.94
N GLN B 4 -1.92 -31.87 -18.42
CA GLN B 4 -2.02 -30.99 -17.23
C GLN B 4 -2.26 -29.54 -17.68
N LYS B 5 -2.89 -28.73 -16.82
CA LYS B 5 -3.03 -27.28 -17.03
C LYS B 5 -3.39 -26.62 -15.71
N LEU B 6 -3.04 -25.33 -15.58
CA LEU B 6 -3.44 -24.51 -14.42
C LEU B 6 -4.85 -23.99 -14.68
N VAL B 7 -5.67 -23.97 -13.63
CA VAL B 7 -7.06 -23.46 -13.70
C VAL B 7 -7.28 -22.55 -12.48
N VAL B 8 -7.78 -21.34 -12.75
CA VAL B 8 -8.31 -20.46 -11.67
C VAL B 8 -9.60 -21.12 -11.16
N THR B 9 -9.62 -21.50 -9.89
CA THR B 9 -10.74 -22.21 -9.21
C THR B 9 -11.39 -21.29 -8.18
N ARG B 10 -10.70 -20.24 -7.74
CA ARG B 10 -11.16 -19.24 -6.75
C ARG B 10 -10.54 -17.87 -7.07
N LEU B 11 -11.35 -16.80 -7.08
CA LEU B 11 -10.90 -15.42 -7.44
C LEU B 11 -10.05 -14.86 -6.30
N SER B 12 -8.75 -14.65 -6.53
CA SER B 12 -7.79 -14.12 -5.55
C SER B 12 -6.58 -13.51 -6.26
N PRO B 13 -6.03 -12.41 -5.72
CA PRO B 13 -4.73 -11.90 -6.15
C PRO B 13 -3.54 -12.72 -5.60
N ASN B 14 -3.81 -13.67 -4.72
CA ASN B 14 -2.79 -14.65 -4.25
C ASN B 14 -2.90 -15.85 -5.18
N PHE B 15 -1.90 -16.02 -6.05
CA PHE B 15 -1.88 -17.01 -7.15
C PHE B 15 -2.00 -18.44 -6.60
N ARG B 16 -1.29 -18.77 -5.54
CA ARG B 16 -1.33 -20.14 -4.95
C ARG B 16 -2.79 -20.44 -4.55
N GLU B 17 -3.46 -19.48 -3.89
CA GLU B 17 -4.85 -19.60 -3.42
C GLU B 17 -5.83 -19.72 -4.58
N ALA B 18 -5.57 -19.03 -5.70
CA ALA B 18 -6.54 -18.88 -6.79
C ALA B 18 -6.50 -20.10 -7.72
N VAL B 19 -5.31 -20.70 -7.88
CA VAL B 19 -4.99 -21.54 -9.07
C VAL B 19 -4.74 -22.98 -8.62
N THR B 20 -5.31 -23.93 -9.37
CA THR B 20 -5.14 -25.39 -9.20
C THR B 20 -4.44 -25.94 -10.45
N LEU B 21 -3.45 -26.82 -10.25
CA LEU B 21 -2.93 -27.75 -11.30
C LEU B 21 -3.91 -28.93 -11.46
N SER B 22 -4.63 -29.01 -12.57
CA SER B 22 -5.44 -30.18 -13.00
C SER B 22 -4.54 -31.16 -13.77
N ARG B 23 -4.70 -32.46 -13.52
CA ARG B 23 -3.77 -33.54 -13.99
C ARG B 23 -4.31 -34.28 -15.21
N ASP B 24 -5.62 -34.53 -15.30
CA ASP B 24 -6.19 -35.50 -16.29
C ASP B 24 -7.19 -34.80 -17.21
N CYS B 25 -6.80 -33.67 -17.80
CA CYS B 25 -7.68 -32.84 -18.65
C CYS B 25 -7.57 -33.32 -20.10
N PRO B 26 -8.68 -33.31 -20.85
CA PRO B 26 -8.63 -33.65 -22.27
C PRO B 26 -7.81 -32.61 -23.06
N VAL B 27 -7.03 -33.08 -24.03
CA VAL B 27 -6.27 -32.22 -24.99
C VAL B 27 -7.27 -31.66 -25.99
N PRO B 28 -7.59 -30.33 -25.96
CA PRO B 28 -8.61 -29.78 -26.84
C PRO B 28 -8.17 -29.87 -28.31
N LEU B 29 -9.15 -29.87 -29.23
CA LEU B 29 -8.91 -29.98 -30.68
C LEU B 29 -9.03 -28.60 -31.31
N PRO B 30 -8.23 -28.31 -32.35
CA PRO B 30 -8.31 -27.03 -33.05
C PRO B 30 -9.53 -26.96 -33.97
N GLY B 31 -10.27 -25.84 -33.93
CA GLY B 31 -11.25 -25.46 -34.97
C GLY B 31 -10.60 -25.39 -36.34
N ASP B 32 -11.36 -24.97 -37.37
CA ASP B 32 -10.88 -24.88 -38.77
C ASP B 32 -9.84 -23.75 -38.89
N GLY B 33 -10.03 -22.64 -38.17
CA GLY B 33 -9.10 -21.48 -38.15
C GLY B 33 -7.95 -21.66 -37.17
N ASP B 34 -7.99 -22.70 -36.33
CA ASP B 34 -7.19 -22.83 -35.09
C ASP B 34 -5.93 -23.70 -35.30
N LEU B 35 -4.84 -23.31 -34.63
CA LEU B 35 -3.66 -24.17 -34.37
C LEU B 35 -3.87 -24.84 -33.01
N LEU B 36 -3.29 -26.03 -32.85
CA LEU B 36 -2.99 -26.64 -31.53
C LEU B 36 -1.48 -26.56 -31.33
N VAL B 37 -1.04 -25.89 -30.27
CA VAL B 37 0.39 -25.60 -29.99
C VAL B 37 0.83 -26.46 -28.80
N ARG B 38 1.89 -27.25 -28.98
CA ARG B 38 2.58 -27.87 -27.83
C ARG B 38 3.44 -26.78 -27.18
N ASN B 39 3.04 -26.31 -26.00
CA ASN B 39 3.77 -25.24 -25.28
C ASN B 39 5.11 -25.82 -24.84
N ARG B 40 6.20 -25.19 -25.27
CA ARG B 40 7.56 -25.52 -24.81
C ARG B 40 8.03 -24.52 -23.76
N PHE B 41 7.71 -23.23 -23.94
CA PHE B 41 8.00 -22.16 -22.94
C PHE B 41 6.78 -21.26 -22.77
N VAL B 42 6.48 -20.89 -21.52
CA VAL B 42 5.37 -19.96 -21.19
C VAL B 42 5.95 -18.77 -20.41
N GLY B 43 5.34 -17.62 -20.60
CA GLY B 43 5.77 -16.37 -19.95
C GLY B 43 5.02 -16.17 -18.64
N VAL B 44 5.73 -15.77 -17.61
CA VAL B 44 5.10 -15.31 -16.35
C VAL B 44 5.00 -13.77 -16.39
N ASN B 45 3.83 -13.25 -16.05
CA ASN B 45 3.51 -11.81 -16.19
C ASN B 45 3.00 -11.25 -14.86
N ALA B 46 3.41 -10.03 -14.48
CA ALA B 46 2.92 -9.37 -13.24
C ALA B 46 1.41 -9.51 -13.12
N SER B 47 0.70 -9.27 -14.22
CA SER B 47 -0.79 -9.24 -14.24
C SER B 47 -1.43 -10.64 -14.24
N ASP B 48 -0.65 -11.72 -14.13
CA ASP B 48 -1.20 -13.09 -13.91
C ASP B 48 -2.11 -13.07 -12.66
N ILE B 49 -1.74 -12.31 -11.63
CA ILE B 49 -2.50 -12.28 -10.33
C ILE B 49 -3.68 -11.30 -10.43
N ASN B 50 -3.66 -10.34 -11.34
CA ASN B 50 -4.87 -9.52 -11.66
C ASN B 50 -5.88 -10.42 -12.35
N TYR B 51 -5.43 -11.26 -13.29
CA TYR B 51 -6.28 -12.22 -14.05
C TYR B 51 -6.91 -13.23 -13.08
N SER B 52 -6.12 -13.83 -12.17
CA SER B 52 -6.58 -14.80 -11.15
C SER B 52 -7.57 -14.13 -10.18
N ALA B 53 -7.41 -12.83 -9.91
CA ALA B 53 -8.29 -12.05 -9.01
C ALA B 53 -9.59 -11.66 -9.72
N GLY B 54 -9.70 -11.85 -11.05
CA GLY B 54 -10.93 -11.60 -11.82
C GLY B 54 -11.06 -10.14 -12.26
N ARG B 55 -9.96 -9.38 -12.23
CA ARG B 55 -9.99 -7.90 -12.42
C ARG B 55 -10.13 -7.54 -13.91
N TYR B 56 -10.17 -8.51 -14.83
CA TYR B 56 -10.34 -8.25 -16.28
C TYR B 56 -11.83 -8.29 -16.63
N ASP B 57 -12.51 -9.40 -16.38
CA ASP B 57 -14.00 -9.46 -16.53
C ASP B 57 -14.59 -9.88 -15.17
N PRO B 58 -14.98 -8.90 -14.31
CA PRO B 58 -15.57 -9.22 -13.01
C PRO B 58 -16.92 -9.94 -13.10
N SER B 59 -17.49 -10.07 -14.31
CA SER B 59 -18.67 -10.93 -14.59
C SER B 59 -18.27 -12.42 -14.53
N VAL B 60 -17.13 -12.78 -15.15
CA VAL B 60 -16.66 -14.18 -15.40
C VAL B 60 -16.30 -14.87 -14.08
N LYS B 61 -16.98 -15.98 -13.76
CA LYS B 61 -16.73 -16.77 -12.53
C LYS B 61 -15.80 -17.93 -12.85
N PRO B 62 -15.02 -18.42 -11.86
CA PRO B 62 -14.21 -19.62 -12.03
C PRO B 62 -15.11 -20.82 -12.36
N PRO B 63 -14.60 -21.87 -13.04
CA PRO B 63 -13.19 -21.97 -13.44
C PRO B 63 -12.92 -21.38 -14.83
N PHE B 64 -11.70 -20.88 -15.04
CA PHE B 64 -11.21 -20.39 -16.36
C PHE B 64 -9.69 -20.61 -16.42
N ASP B 65 -9.19 -20.65 -17.66
CA ASP B 65 -7.77 -20.85 -18.04
C ASP B 65 -6.98 -19.57 -17.75
N ILE B 66 -5.65 -19.66 -17.76
CA ILE B 66 -4.73 -18.57 -17.31
C ILE B 66 -3.39 -18.72 -18.02
N GLY B 67 -2.55 -17.68 -18.02
CA GLY B 67 -1.33 -17.59 -18.85
C GLY B 67 -1.59 -16.85 -20.15
N PHE B 68 -0.77 -15.84 -20.43
CA PHE B 68 -1.06 -14.83 -21.49
C PHE B 68 -0.26 -15.13 -22.77
N GLU B 69 0.77 -15.98 -22.70
CA GLU B 69 1.77 -16.08 -23.81
C GLU B 69 2.49 -17.45 -23.80
N GLY B 70 2.76 -17.98 -24.99
CA GLY B 70 3.49 -19.26 -25.15
C GLY B 70 4.26 -19.32 -26.46
N ILE B 71 5.23 -20.24 -26.52
CA ILE B 71 6.01 -20.56 -27.74
C ILE B 71 6.14 -22.09 -27.84
N GLY B 72 5.98 -22.64 -29.04
CA GLY B 72 6.11 -24.09 -29.23
C GLY B 72 5.89 -24.52 -30.67
N GLU B 73 5.49 -25.79 -30.87
CA GLU B 73 5.27 -26.39 -32.22
C GLU B 73 3.78 -26.61 -32.47
N VAL B 74 3.33 -26.31 -33.69
CA VAL B 74 2.01 -26.73 -34.24
C VAL B 74 2.02 -28.26 -34.30
N VAL B 75 1.17 -28.94 -33.53
CA VAL B 75 1.07 -30.43 -33.53
C VAL B 75 -0.17 -30.82 -34.35
N ALA B 76 -1.24 -30.03 -34.28
CA ALA B 76 -2.43 -30.17 -35.15
C ALA B 76 -2.86 -28.77 -35.60
N LEU B 77 -3.65 -28.69 -36.68
CA LEU B 77 -4.25 -27.42 -37.18
C LEU B 77 -5.39 -27.74 -38.15
N GLY B 78 -6.48 -26.97 -38.08
CA GLY B 78 -7.63 -27.01 -39.02
C GLY B 78 -7.19 -26.80 -40.46
N LEU B 79 -8.12 -27.02 -41.41
CA LEU B 79 -7.83 -27.03 -42.87
C LEU B 79 -7.46 -25.61 -43.34
N SER B 80 -8.29 -24.60 -43.03
CA SER B 80 -8.06 -23.17 -43.37
C SER B 80 -6.68 -22.72 -42.91
N ALA B 81 -6.34 -23.04 -41.65
CA ALA B 81 -5.05 -22.74 -40.98
C ALA B 81 -3.87 -23.30 -41.79
N SER B 82 -4.06 -24.47 -42.41
CA SER B 82 -2.99 -25.21 -43.11
C SER B 82 -2.61 -24.53 -44.44
N ALA B 83 -3.25 -23.42 -44.79
CA ALA B 83 -2.88 -22.58 -45.96
C ALA B 83 -1.53 -21.91 -45.69
N ARG B 84 -1.38 -21.28 -44.52
CA ARG B 84 -0.18 -20.47 -44.13
C ARG B 84 0.74 -21.26 -43.18
N TYR B 85 0.19 -22.16 -42.35
CA TYR B 85 0.94 -22.87 -41.28
C TYR B 85 1.06 -24.36 -41.60
N THR B 86 2.10 -25.04 -41.07
CA THR B 86 2.24 -26.52 -41.14
C THR B 86 2.60 -27.11 -39.76
N VAL B 87 2.21 -28.38 -39.55
CA VAL B 87 2.60 -29.20 -38.37
C VAL B 87 4.12 -29.10 -38.20
N GLY B 88 4.58 -29.08 -36.94
CA GLY B 88 6.00 -28.98 -36.56
C GLY B 88 6.56 -27.57 -36.68
N GLN B 89 5.80 -26.61 -37.20
CA GLN B 89 6.27 -25.20 -37.37
C GLN B 89 6.43 -24.57 -35.99
N ALA B 90 7.50 -23.80 -35.79
CA ALA B 90 7.74 -22.98 -34.58
C ALA B 90 6.77 -21.78 -34.60
N VAL B 91 5.94 -21.63 -33.55
CA VAL B 91 5.04 -20.45 -33.41
C VAL B 91 5.04 -19.93 -31.97
N ALA B 92 4.75 -18.64 -31.82
CA ALA B 92 4.53 -17.94 -30.54
C ALA B 92 3.18 -17.22 -30.59
N TYR B 93 2.57 -16.97 -29.44
CA TYR B 93 1.25 -16.30 -29.41
C TYR B 93 1.09 -15.56 -28.08
N MET B 94 0.23 -14.55 -28.12
CA MET B 94 -0.33 -13.88 -26.94
C MET B 94 -1.83 -14.13 -26.93
N ALA B 95 -2.31 -15.01 -26.07
CA ALA B 95 -3.72 -15.37 -25.90
C ALA B 95 -3.89 -16.05 -24.55
N PRO B 96 -5.01 -15.84 -23.84
CA PRO B 96 -5.19 -16.44 -22.51
C PRO B 96 -5.27 -17.98 -22.60
N GLY B 97 -4.71 -18.67 -21.62
CA GLY B 97 -4.68 -20.14 -21.52
C GLY B 97 -3.40 -20.76 -22.03
N SER B 98 -2.27 -20.07 -21.90
CA SER B 98 -0.91 -20.56 -22.26
C SER B 98 -0.39 -21.53 -21.18
N PHE B 99 -0.91 -21.44 -19.96
CA PHE B 99 -0.49 -22.27 -18.79
C PHE B 99 -1.15 -23.65 -18.91
N ALA B 100 -0.74 -24.40 -19.94
CA ALA B 100 -1.24 -25.73 -20.34
C ALA B 100 -0.13 -26.45 -21.12
N GLU B 101 -0.14 -27.79 -21.19
CA GLU B 101 0.83 -28.53 -22.06
C GLU B 101 0.50 -28.24 -23.52
N TYR B 102 -0.78 -28.06 -23.84
CA TYR B 102 -1.29 -27.75 -25.20
C TYR B 102 -2.36 -26.66 -25.10
N THR B 103 -2.38 -25.76 -26.08
CA THR B 103 -3.31 -24.61 -26.17
C THR B 103 -3.85 -24.50 -27.59
N VAL B 104 -5.15 -24.24 -27.75
CA VAL B 104 -5.79 -23.86 -29.05
C VAL B 104 -5.63 -22.34 -29.28
N VAL B 105 -5.18 -21.95 -30.47
CA VAL B 105 -4.80 -20.56 -30.82
C VAL B 105 -5.30 -20.30 -32.23
N PRO B 106 -6.17 -19.29 -32.44
CA PRO B 106 -6.52 -18.88 -33.81
C PRO B 106 -5.30 -18.48 -34.63
N ALA B 107 -5.09 -19.18 -35.75
CA ALA B 107 -3.98 -18.96 -36.71
C ALA B 107 -3.79 -17.46 -36.99
N SER B 108 -4.87 -16.66 -36.97
CA SER B 108 -4.87 -15.22 -37.34
C SER B 108 -4.06 -14.40 -36.33
N ILE B 109 -3.85 -14.90 -35.12
CA ILE B 109 -3.11 -14.15 -34.05
C ILE B 109 -1.78 -14.83 -33.73
N ALA B 110 -1.45 -15.97 -34.33
CA ALA B 110 -0.15 -16.65 -34.12
C ALA B 110 0.96 -15.79 -34.75
N THR B 111 2.15 -15.81 -34.17
CA THR B 111 3.36 -15.17 -34.76
C THR B 111 4.31 -16.29 -35.16
N PRO B 112 4.64 -16.46 -36.46
CA PRO B 112 5.68 -17.42 -36.86
C PRO B 112 7.03 -16.94 -36.31
N VAL B 113 7.80 -17.84 -35.70
CA VAL B 113 9.16 -17.50 -35.21
C VAL B 113 10.18 -18.44 -35.86
N PRO B 114 11.48 -18.06 -35.86
CA PRO B 114 12.52 -18.80 -36.57
C PRO B 114 12.80 -20.18 -35.95
N SER B 115 12.70 -20.31 -34.64
CA SER B 115 12.83 -21.59 -33.89
C SER B 115 12.14 -21.41 -32.53
N VAL B 116 12.08 -22.47 -31.74
CA VAL B 116 11.54 -22.45 -30.35
C VAL B 116 12.69 -22.07 -29.43
N LYS B 117 12.88 -20.77 -29.20
CA LYS B 117 13.86 -20.21 -28.23
C LYS B 117 13.11 -19.27 -27.28
N PRO B 118 13.46 -19.27 -25.98
CA PRO B 118 12.75 -18.43 -25.02
C PRO B 118 12.92 -16.92 -25.29
N GLU B 119 14.06 -16.52 -25.88
CA GLU B 119 14.39 -15.13 -26.30
C GLU B 119 13.25 -14.56 -27.16
N TYR B 120 12.62 -15.38 -28.01
CA TYR B 120 11.55 -14.89 -28.92
C TYR B 120 10.25 -14.64 -28.12
N LEU B 121 10.04 -15.42 -27.06
CA LEU B 121 8.85 -15.25 -26.20
C LEU B 121 8.97 -13.93 -25.43
N THR B 122 10.17 -13.49 -25.06
CA THR B 122 10.34 -12.19 -24.31
C THR B 122 9.68 -11.06 -25.13
N LEU B 123 9.61 -11.21 -26.44
CA LEU B 123 9.11 -10.11 -27.32
C LEU B 123 7.58 -9.99 -27.30
N LEU B 124 6.83 -11.07 -27.05
CA LEU B 124 5.38 -11.14 -27.37
C LEU B 124 4.59 -10.12 -26.54
N VAL B 125 4.87 -10.01 -25.24
CA VAL B 125 4.15 -9.09 -24.32
C VAL B 125 5.12 -8.00 -23.88
N SER B 126 6.24 -8.39 -23.30
CA SER B 126 7.25 -7.48 -22.73
C SER B 126 7.84 -6.56 -23.80
N GLY B 127 8.28 -7.11 -24.94
CA GLY B 127 8.91 -6.32 -26.02
C GLY B 127 7.93 -5.37 -26.70
N THR B 128 6.76 -5.87 -27.05
CA THR B 128 5.75 -5.13 -27.87
C THR B 128 5.17 -4.01 -26.99
N THR B 129 5.02 -4.20 -25.68
CA THR B 129 4.54 -3.14 -24.77
C THR B 129 5.52 -1.96 -24.83
N ALA B 130 6.82 -2.21 -24.64
CA ALA B 130 7.85 -1.17 -24.56
C ALA B 130 7.96 -0.48 -25.92
N TYR B 131 7.93 -1.27 -27.01
CA TYR B 131 8.10 -0.77 -28.40
C TYR B 131 6.95 0.17 -28.74
N ILE B 132 5.72 -0.34 -28.67
CA ILE B 132 4.50 0.39 -29.11
C ILE B 132 4.26 1.61 -28.18
N SER B 133 4.37 1.43 -26.88
CA SER B 133 4.10 2.54 -25.92
C SER B 133 5.07 3.68 -26.25
N LEU B 134 6.37 3.40 -26.33
CA LEU B 134 7.40 4.45 -26.51
C LEU B 134 7.26 5.08 -27.90
N LYS B 135 6.88 4.32 -28.91
CA LYS B 135 6.76 4.82 -30.31
C LYS B 135 5.49 5.65 -30.47
N GLU B 136 4.35 5.22 -29.91
CA GLU B 136 3.08 5.95 -30.08
C GLU B 136 3.01 7.09 -29.07
N LEU B 137 3.58 6.98 -27.86
CA LEU B 137 3.29 7.97 -26.77
C LEU B 137 4.54 8.69 -26.25
N GLY B 138 5.75 8.17 -26.51
CA GLY B 138 6.99 8.66 -25.87
C GLY B 138 7.47 9.99 -26.45
N GLY B 139 7.21 10.25 -27.75
CA GLY B 139 7.81 11.39 -28.47
C GLY B 139 9.30 11.46 -28.23
N LEU B 140 9.99 10.33 -28.33
CA LEU B 140 11.46 10.25 -28.09
C LEU B 140 12.22 10.95 -29.22
N SER B 141 13.41 11.47 -28.92
CA SER B 141 14.32 12.15 -29.88
C SER B 141 15.66 12.36 -29.17
N GLU B 142 16.71 12.62 -29.94
CA GLU B 142 18.11 12.68 -29.43
C GLU B 142 18.16 13.65 -28.25
N GLY B 143 18.70 13.23 -27.11
CA GLY B 143 18.96 14.11 -25.97
C GLY B 143 17.84 14.15 -24.94
N LYS B 144 16.64 13.60 -25.23
CA LYS B 144 15.56 13.45 -24.22
C LYS B 144 16.10 12.63 -23.05
N LYS B 145 15.60 12.91 -21.85
CA LYS B 145 15.92 12.17 -20.61
C LYS B 145 14.73 11.23 -20.30
N VAL B 146 15.03 9.93 -20.18
CA VAL B 146 14.01 8.86 -19.95
C VAL B 146 14.36 8.19 -18.63
N LEU B 147 13.39 8.17 -17.71
CA LEU B 147 13.44 7.33 -16.50
C LEU B 147 12.61 6.06 -16.77
N VAL B 148 13.22 4.90 -16.55
CA VAL B 148 12.56 3.58 -16.66
C VAL B 148 12.55 2.95 -15.28
N THR B 149 11.38 2.58 -14.76
CA THR B 149 11.28 1.85 -13.47
C THR B 149 11.19 0.35 -13.77
N ALA B 150 11.53 -0.48 -12.78
CA ALA B 150 11.68 -1.95 -12.94
C ALA B 150 12.51 -2.21 -14.20
N ALA B 151 13.64 -1.50 -14.32
CA ALA B 151 14.40 -1.36 -15.58
C ALA B 151 15.10 -2.69 -15.95
N ALA B 152 15.40 -3.54 -14.96
CA ALA B 152 16.12 -4.83 -15.16
C ALA B 152 15.12 -5.97 -15.29
N GLY B 153 13.84 -5.65 -15.51
CA GLY B 153 12.71 -6.61 -15.56
C GLY B 153 12.39 -7.01 -16.99
N GLY B 154 11.34 -7.82 -17.15
CA GLY B 154 10.85 -8.31 -18.44
C GLY B 154 10.68 -7.23 -19.50
N THR B 155 9.83 -6.23 -19.24
CA THR B 155 9.56 -5.13 -20.21
C THR B 155 10.60 -4.03 -19.97
N GLY B 156 11.02 -3.81 -18.72
CA GLY B 156 12.02 -2.77 -18.40
C GLY B 156 13.25 -2.84 -19.30
N GLN B 157 13.79 -4.03 -19.55
CA GLN B 157 15.04 -4.19 -20.34
C GLN B 157 14.82 -3.62 -21.75
N PHE B 158 13.59 -3.69 -22.27
CA PHE B 158 13.26 -3.25 -23.64
C PHE B 158 13.05 -1.74 -23.69
N ALA B 159 12.39 -1.16 -22.68
CA ALA B 159 12.24 0.30 -22.52
C ALA B 159 13.64 0.94 -22.49
N MET B 160 14.54 0.37 -21.69
CA MET B 160 15.95 0.80 -21.52
C MET B 160 16.66 0.82 -22.89
N GLN B 161 16.74 -0.32 -23.58
CA GLN B 161 17.46 -0.47 -24.87
C GLN B 161 16.81 0.37 -25.99
N LEU B 162 15.48 0.32 -26.15
CA LEU B 162 14.80 1.11 -27.21
C LEU B 162 15.02 2.62 -26.99
N SER B 163 15.05 3.08 -25.74
CA SER B 163 15.29 4.50 -25.41
C SER B 163 16.73 4.88 -25.83
N LYS B 164 17.71 4.05 -25.48
CA LYS B 164 19.12 4.21 -25.94
C LYS B 164 19.22 4.26 -27.47
N LYS B 165 18.55 3.37 -28.21
CA LYS B 165 18.61 3.35 -29.70
C LYS B 165 18.03 4.66 -30.26
N ALA B 166 17.12 5.31 -29.53
CA ALA B 166 16.55 6.62 -29.90
C ALA B 166 17.50 7.76 -29.49
N LYS B 167 18.70 7.43 -28.99
CA LYS B 167 19.76 8.37 -28.52
C LYS B 167 19.25 9.26 -27.38
N CYS B 168 18.47 8.69 -26.43
CA CYS B 168 18.07 9.32 -25.16
C CYS B 168 19.15 9.03 -24.11
N HIS B 169 19.25 9.91 -23.11
CA HIS B 169 19.94 9.70 -21.81
C HIS B 169 19.00 8.91 -20.89
N VAL B 170 19.45 7.78 -20.37
CA VAL B 170 18.52 6.83 -19.72
C VAL B 170 18.97 6.55 -18.30
N ILE B 171 18.02 6.71 -17.38
CA ILE B 171 18.11 6.34 -15.94
C ILE B 171 17.21 5.13 -15.73
N GLY B 172 17.70 4.12 -15.00
CA GLY B 172 16.99 2.85 -14.73
C GLY B 172 17.05 2.47 -13.26
N THR B 173 15.90 2.13 -12.68
CA THR B 173 15.82 1.75 -11.24
C THR B 173 15.76 0.24 -11.13
N CYS B 174 16.32 -0.31 -10.07
CA CYS B 174 16.45 -1.77 -9.80
C CYS B 174 16.90 -1.97 -8.35
N SER B 175 16.83 -3.20 -7.82
CA SER B 175 17.00 -3.46 -6.38
C SER B 175 18.34 -4.16 -6.04
N SER B 176 19.33 -4.23 -6.92
CA SER B 176 20.63 -4.86 -6.57
C SER B 176 21.77 -4.32 -7.43
N ASP B 177 23.03 -4.52 -6.99
CA ASP B 177 24.25 -4.14 -7.75
C ASP B 177 24.43 -5.05 -8.96
N GLU B 178 24.01 -6.32 -8.85
CA GLU B 178 23.97 -7.27 -9.99
C GLU B 178 23.05 -6.69 -11.07
N LYS B 179 21.85 -6.27 -10.67
CA LYS B 179 20.89 -5.64 -11.63
C LYS B 179 21.47 -4.36 -12.20
N SER B 180 22.14 -3.54 -11.38
CA SER B 180 22.79 -2.29 -11.86
C SER B 180 23.83 -2.62 -12.94
N ALA B 181 24.62 -3.68 -12.73
CA ALA B 181 25.67 -4.11 -13.68
C ALA B 181 25.01 -4.59 -14.97
N PHE B 182 23.85 -5.25 -14.90
CA PHE B 182 23.05 -5.65 -16.09
C PHE B 182 22.64 -4.39 -16.88
N LEU B 183 22.12 -3.38 -16.18
CA LEU B 183 21.68 -2.10 -16.81
C LEU B 183 22.84 -1.38 -17.50
N LYS B 184 23.98 -1.28 -16.84
CA LYS B 184 25.21 -0.68 -17.40
C LYS B 184 25.59 -1.43 -18.69
N SER B 185 25.57 -2.77 -18.69
CA SER B 185 25.90 -3.58 -19.89
C SER B 185 24.93 -3.28 -21.04
N LEU B 186 23.68 -2.90 -20.72
CA LEU B 186 22.67 -2.50 -21.73
C LEU B 186 22.87 -1.03 -22.15
N GLY B 187 23.88 -0.35 -21.60
CA GLY B 187 24.20 1.04 -21.98
C GLY B 187 23.42 2.07 -21.18
N CYS B 188 22.73 1.65 -20.11
CA CYS B 188 22.08 2.58 -19.17
C CYS B 188 23.09 3.63 -18.68
N ASP B 189 22.78 4.91 -18.86
CA ASP B 189 23.63 6.05 -18.46
C ASP B 189 23.70 6.15 -16.93
N ARG B 190 22.58 5.99 -16.22
CA ARG B 190 22.51 6.12 -14.73
C ARG B 190 21.63 4.99 -14.17
N PRO B 191 22.23 3.82 -13.87
CA PRO B 191 21.56 2.79 -13.08
C PRO B 191 21.46 3.29 -11.64
N ILE B 192 20.32 3.06 -11.01
CA ILE B 192 20.10 3.33 -9.55
C ILE B 192 19.61 2.03 -8.90
N ASN B 193 20.40 1.53 -7.96
CA ASN B 193 19.99 0.53 -6.95
C ASN B 193 19.29 1.29 -5.82
N TYR B 194 17.95 1.28 -5.83
CA TYR B 194 17.11 2.11 -4.93
C TYR B 194 17.19 1.56 -3.50
N LYS B 195 17.73 0.35 -3.31
CA LYS B 195 17.98 -0.19 -1.95
C LYS B 195 19.13 0.57 -1.29
N THR B 196 20.11 1.08 -2.03
CA THR B 196 21.37 1.65 -1.46
C THR B 196 21.51 3.15 -1.77
N GLU B 197 20.77 3.65 -2.75
CA GLU B 197 20.77 5.07 -3.20
C GLU B 197 19.32 5.54 -3.33
N PRO B 198 18.84 6.47 -2.49
CA PRO B 198 17.47 6.98 -2.63
C PRO B 198 17.27 7.62 -4.01
N VAL B 199 16.24 7.21 -4.73
CA VAL B 199 16.00 7.67 -6.13
C VAL B 199 15.69 9.17 -6.15
N GLY B 200 14.97 9.67 -5.14
CA GLY B 200 14.51 11.06 -5.07
C GLY B 200 15.71 12.01 -4.97
N THR B 201 16.68 11.62 -4.14
CA THR B 201 17.98 12.31 -3.99
C THR B 201 18.76 12.30 -5.33
N VAL B 202 18.92 11.14 -5.96
CA VAL B 202 19.67 11.06 -7.25
C VAL B 202 19.05 12.05 -8.26
N LEU B 203 17.73 12.05 -8.43
CA LEU B 203 17.03 12.89 -9.43
C LEU B 203 17.21 14.37 -9.06
N LYS B 204 17.09 14.72 -7.77
CA LYS B 204 17.26 16.13 -7.29
C LYS B 204 18.69 16.60 -7.62
N GLN B 205 19.69 15.81 -7.24
CA GLN B 205 21.14 16.17 -7.30
C GLN B 205 21.73 16.00 -8.71
N GLU B 206 21.25 15.08 -9.56
CA GLU B 206 21.84 14.86 -10.91
C GLU B 206 20.90 15.33 -12.04
N TYR B 207 19.61 15.53 -11.79
CA TYR B 207 18.64 15.89 -12.86
C TYR B 207 17.73 17.01 -12.36
N PRO B 208 18.32 18.11 -11.81
CA PRO B 208 17.53 19.22 -11.29
C PRO B 208 16.52 19.82 -12.29
N GLU B 209 16.81 19.77 -13.59
CA GLU B 209 15.89 20.25 -14.67
C GLU B 209 14.80 19.21 -14.95
N GLY B 210 14.95 17.99 -14.40
CA GLY B 210 13.94 16.92 -14.51
C GLY B 210 14.10 16.05 -15.75
N VAL B 211 13.14 15.17 -16.01
CA VAL B 211 13.19 14.15 -17.10
C VAL B 211 12.02 14.40 -18.05
N ASP B 212 12.20 14.06 -19.33
CA ASP B 212 11.16 14.30 -20.37
C ASP B 212 10.14 13.15 -20.39
N VAL B 213 10.54 11.94 -20.05
CA VAL B 213 9.69 10.73 -20.25
C VAL B 213 9.92 9.77 -19.07
N VAL B 214 8.85 9.19 -18.55
CA VAL B 214 8.93 8.12 -17.51
C VAL B 214 8.18 6.90 -18.02
N TYR B 215 8.84 5.74 -18.02
CA TYR B 215 8.20 4.45 -18.33
C TYR B 215 7.91 3.84 -16.98
N GLU B 216 6.71 4.07 -16.45
CA GLU B 216 6.45 3.85 -14.99
C GLU B 216 5.67 2.55 -14.81
N SER B 217 6.29 1.54 -14.20
CA SER B 217 5.69 0.18 -14.04
C SER B 217 5.34 -0.17 -12.59
N VAL B 218 5.73 0.67 -11.63
CA VAL B 218 5.84 0.27 -10.19
C VAL B 218 4.71 0.86 -9.34
N GLY B 219 4.34 2.11 -9.60
CA GLY B 219 3.29 2.83 -8.85
C GLY B 219 3.78 3.27 -7.49
N GLY B 220 2.83 3.62 -6.62
CA GLY B 220 3.11 4.13 -5.26
C GLY B 220 4.12 5.26 -5.24
N ALA B 221 5.09 5.15 -4.34
CA ALA B 221 6.09 6.20 -4.04
C ALA B 221 6.91 6.47 -5.30
N MET B 222 7.10 5.44 -6.11
CA MET B 222 7.90 5.58 -7.35
C MET B 222 7.11 6.46 -8.34
N PHE B 223 5.80 6.27 -8.45
CA PHE B 223 4.93 7.16 -9.25
C PHE B 223 5.06 8.62 -8.79
N ASP B 224 4.96 8.87 -7.48
CA ASP B 224 4.87 10.23 -6.91
C ASP B 224 6.16 10.99 -7.24
N LEU B 225 7.27 10.30 -7.06
CA LEU B 225 8.67 10.74 -7.30
C LEU B 225 8.84 11.03 -8.80
N ALA B 226 8.27 10.20 -9.68
CA ALA B 226 8.36 10.38 -11.14
C ALA B 226 7.58 11.64 -11.52
N VAL B 227 6.41 11.86 -10.91
CA VAL B 227 5.59 13.08 -11.15
C VAL B 227 6.41 14.32 -10.79
N ASP B 228 6.99 14.33 -9.60
CA ASP B 228 7.82 15.47 -9.10
C ASP B 228 9.01 15.70 -10.06
N ALA B 229 9.59 14.64 -10.62
CA ALA B 229 10.80 14.71 -11.47
C ALA B 229 10.52 15.15 -12.92
N LEU B 230 9.25 15.30 -13.33
CA LEU B 230 8.92 15.65 -14.74
C LEU B 230 9.45 17.05 -15.07
N ALA B 231 10.08 17.20 -16.24
CA ALA B 231 10.43 18.49 -16.87
C ALA B 231 9.16 19.14 -17.40
N THR B 232 9.22 20.42 -17.75
CA THR B 232 8.18 21.13 -18.53
C THR B 232 7.84 20.27 -19.73
N LYS B 233 6.56 20.05 -19.99
CA LYS B 233 6.04 19.22 -21.12
C LYS B 233 6.49 17.75 -20.99
N GLY B 234 6.88 17.30 -19.79
CA GLY B 234 7.19 15.89 -19.51
C GLY B 234 5.99 14.97 -19.68
N ARG B 235 6.25 13.68 -19.93
CA ARG B 235 5.23 12.61 -20.16
C ARG B 235 5.53 11.41 -19.27
N LEU B 236 4.65 11.13 -18.31
CA LEU B 236 4.72 9.91 -17.49
C LEU B 236 3.73 8.90 -18.11
N ILE B 237 4.25 7.80 -18.64
CA ILE B 237 3.43 6.70 -19.21
C ILE B 237 3.17 5.68 -18.09
N VAL B 238 1.90 5.46 -17.79
CA VAL B 238 1.49 4.45 -16.77
C VAL B 238 1.43 3.12 -17.50
N ILE B 239 2.50 2.34 -17.36
CA ILE B 239 2.62 0.97 -17.94
C ILE B 239 1.98 -0.01 -16.95
N GLY B 240 2.06 0.27 -15.65
CA GLY B 240 1.55 -0.61 -14.60
C GLY B 240 1.80 -0.04 -13.22
N PHE B 241 1.43 -0.78 -12.17
CA PHE B 241 1.64 -0.37 -10.76
C PHE B 241 1.81 -1.62 -9.90
N ILE B 242 2.83 -2.42 -10.23
CA ILE B 242 3.11 -3.76 -9.62
C ILE B 242 3.05 -3.68 -8.08
N SER B 243 3.42 -2.55 -7.47
CA SER B 243 3.47 -2.39 -5.99
C SER B 243 2.08 -2.58 -5.35
N GLY B 244 1.00 -2.49 -6.12
CA GLY B 244 -0.38 -2.60 -5.58
C GLY B 244 -1.11 -3.88 -5.96
N TYR B 245 -0.61 -4.73 -6.86
CA TYR B 245 -1.42 -5.82 -7.47
C TYR B 245 -1.78 -6.88 -6.41
N GLN B 246 -0.91 -7.10 -5.42
CA GLN B 246 -1.11 -8.13 -4.37
C GLN B 246 -2.18 -7.70 -3.34
N THR B 247 -2.50 -6.40 -3.26
CA THR B 247 -3.45 -5.82 -2.25
C THR B 247 -4.87 -6.22 -2.65
N PRO B 248 -5.85 -6.07 -1.73
CA PRO B 248 -7.23 -6.52 -2.01
C PRO B 248 -7.91 -5.77 -3.16
N THR B 249 -7.61 -4.49 -3.36
CA THR B 249 -8.16 -3.71 -4.48
C THR B 249 -7.25 -3.83 -5.72
N GLY B 250 -5.98 -4.18 -5.54
CA GLY B 250 -4.98 -4.21 -6.62
C GLY B 250 -4.36 -2.84 -6.88
N LEU B 251 -4.77 -1.82 -6.11
CA LEU B 251 -4.34 -0.41 -6.29
C LEU B 251 -3.15 -0.13 -5.38
N SER B 252 -2.24 0.75 -5.82
CA SER B 252 -1.15 1.32 -4.99
C SER B 252 -1.54 2.75 -4.64
N PRO B 253 -1.37 3.18 -3.37
CA PRO B 253 -1.66 4.56 -3.00
C PRO B 253 -0.69 5.56 -3.66
N VAL B 254 -1.23 6.61 -4.26
CA VAL B 254 -0.47 7.74 -4.85
C VAL B 254 -0.98 9.09 -4.33
N LYS B 255 -0.12 10.10 -4.31
CA LYS B 255 -0.49 11.51 -3.99
C LYS B 255 -1.18 12.10 -5.22
N ALA B 256 -2.48 11.89 -5.33
CA ALA B 256 -3.28 12.19 -6.52
C ALA B 256 -4.02 13.53 -6.40
N GLY B 257 -4.28 14.01 -5.17
CA GLY B 257 -5.08 15.21 -4.93
C GLY B 257 -4.42 16.44 -5.54
N THR B 258 -3.08 16.50 -5.53
CA THR B 258 -2.33 17.65 -6.10
C THR B 258 -1.83 17.32 -7.52
N LEU B 259 -2.23 16.19 -8.11
CA LEU B 259 -1.66 15.78 -9.41
C LEU B 259 -2.13 16.73 -10.52
N PRO B 260 -3.45 17.00 -10.71
CA PRO B 260 -3.88 17.90 -11.79
C PRO B 260 -3.21 19.28 -11.73
N ALA B 261 -2.98 19.82 -10.53
CA ALA B 261 -2.26 21.09 -10.33
C ALA B 261 -0.81 20.96 -10.80
N LYS B 262 -0.11 19.89 -10.42
CA LYS B 262 1.31 19.70 -10.84
C LYS B 262 1.39 19.60 -12.37
N LEU B 263 0.45 18.91 -13.01
CA LEU B 263 0.49 18.71 -14.48
C LEU B 263 0.17 20.03 -15.19
N LEU B 264 -0.75 20.82 -14.64
CA LEU B 264 -1.07 22.13 -15.26
C LEU B 264 0.18 23.01 -15.16
N LYS B 265 0.81 23.10 -14.00
CA LYS B 265 1.95 24.02 -13.73
C LYS B 265 3.16 23.64 -14.59
N LYS B 266 3.28 22.37 -15.02
CA LYS B 266 4.40 21.91 -15.87
C LYS B 266 3.96 21.69 -17.33
N SER B 267 2.71 21.98 -17.71
CA SER B 267 2.13 21.53 -19.01
C SER B 267 2.48 20.05 -19.27
N ALA B 268 2.34 19.19 -18.27
CA ALA B 268 2.81 17.78 -18.34
C ALA B 268 1.62 16.83 -18.37
N SER B 269 1.87 15.55 -18.71
CA SER B 269 0.83 14.52 -18.90
C SER B 269 1.13 13.23 -18.13
N VAL B 270 0.05 12.54 -17.76
CA VAL B 270 0.03 11.14 -17.29
C VAL B 270 -0.82 10.38 -18.31
N GLN B 271 -0.20 9.41 -18.98
CA GLN B 271 -0.83 8.72 -20.13
C GLN B 271 -0.80 7.24 -19.77
N GLY B 272 -1.96 6.59 -19.75
CA GLY B 272 -2.12 5.14 -19.59
C GLY B 272 -1.88 4.42 -20.90
N PHE B 273 -1.31 3.23 -20.82
CA PHE B 273 -1.16 2.31 -21.97
C PHE B 273 -1.65 0.90 -21.60
N PHE B 274 -2.61 0.37 -22.35
CA PHE B 274 -3.00 -1.08 -22.32
C PHE B 274 -2.72 -1.73 -23.70
N LEU B 275 -1.84 -2.74 -23.72
CA LEU B 275 -1.37 -3.37 -25.00
C LEU B 275 -2.57 -3.72 -25.91
N ASN B 276 -3.66 -4.24 -25.36
CA ASN B 276 -4.80 -4.76 -26.16
C ASN B 276 -5.54 -3.64 -26.90
N HIS B 277 -5.29 -2.38 -26.59
CA HIS B 277 -5.87 -1.23 -27.34
C HIS B 277 -5.01 -0.88 -28.56
N TYR B 278 -3.84 -1.49 -28.75
CA TYR B 278 -2.89 -1.14 -29.83
C TYR B 278 -2.52 -2.35 -30.70
N LEU B 279 -3.46 -3.29 -30.85
CA LEU B 279 -3.27 -4.54 -31.66
C LEU B 279 -3.03 -4.20 -33.12
N SER B 280 -3.62 -3.11 -33.63
CA SER B 280 -3.36 -2.69 -35.02
C SER B 280 -1.86 -2.42 -35.22
N LYS B 281 -1.09 -2.15 -34.15
CA LYS B 281 0.38 -1.89 -34.24
C LYS B 281 1.22 -3.15 -33.97
N TYR B 282 0.61 -4.26 -33.51
CA TYR B 282 1.33 -5.42 -32.89
C TYR B 282 2.23 -6.17 -33.91
N GLN B 283 1.70 -6.52 -35.08
CA GLN B 283 2.42 -7.23 -36.18
C GLN B 283 3.72 -6.49 -36.54
N ALA B 284 3.66 -5.21 -36.82
CA ALA B 284 4.85 -4.43 -37.25
C ALA B 284 5.91 -4.40 -36.14
N ALA B 285 5.49 -4.16 -34.89
CA ALA B 285 6.36 -4.13 -33.69
C ALA B 285 7.07 -5.48 -33.53
N MET B 286 6.31 -6.58 -33.56
CA MET B 286 6.83 -7.95 -33.38
C MET B 286 7.81 -8.30 -34.51
N SER B 287 7.55 -7.87 -35.75
CA SER B 287 8.49 -8.05 -36.89
C SER B 287 9.81 -7.31 -36.64
N HIS B 288 9.74 -6.07 -36.19
CA HIS B 288 10.95 -5.25 -36.03
C HIS B 288 11.71 -5.78 -34.82
N LEU B 289 11.01 -6.20 -33.76
CA LEU B 289 11.66 -6.77 -32.56
C LEU B 289 12.43 -8.05 -32.94
N LEU B 290 11.82 -8.94 -33.74
CA LEU B 290 12.46 -10.22 -34.17
C LEU B 290 13.73 -9.92 -34.95
N GLU B 291 13.71 -8.99 -35.90
CA GLU B 291 14.91 -8.62 -36.71
C GLU B 291 16.05 -8.15 -35.78
N MET B 292 15.71 -7.40 -34.72
CA MET B 292 16.74 -6.89 -33.78
C MET B 292 17.20 -8.04 -32.89
N CYS B 293 16.29 -8.92 -32.50
CA CYS B 293 16.64 -10.09 -31.67
C CYS B 293 17.60 -11.01 -32.43
N VAL B 294 17.22 -11.37 -33.67
CA VAL B 294 18.01 -12.35 -34.46
C VAL B 294 19.40 -11.77 -34.73
N SER B 295 19.47 -10.48 -35.07
CA SER B 295 20.72 -9.82 -35.52
C SER B 295 21.66 -9.62 -34.33
N GLY B 296 21.18 -9.72 -33.09
CA GLY B 296 21.99 -9.44 -31.88
C GLY B 296 22.05 -7.95 -31.54
N ASP B 297 21.19 -7.12 -32.13
CA ASP B 297 21.13 -5.67 -31.80
C ASP B 297 20.33 -5.44 -30.53
N LEU B 298 19.61 -6.45 -30.03
CA LEU B 298 18.75 -6.32 -28.84
C LEU B 298 19.07 -7.47 -27.89
N VAL B 299 19.49 -7.18 -26.66
CA VAL B 299 19.60 -8.23 -25.62
C VAL B 299 18.16 -8.58 -25.17
N CYS B 300 17.82 -9.86 -25.20
CA CYS B 300 16.50 -10.43 -24.80
C CYS B 300 16.74 -11.38 -23.64
N GLU B 301 17.00 -10.82 -22.47
CA GLU B 301 17.46 -11.56 -21.28
C GLU B 301 16.29 -12.43 -20.78
N VAL B 302 16.60 -13.69 -20.51
CA VAL B 302 15.61 -14.72 -20.06
C VAL B 302 16.02 -15.16 -18.67
N ASP B 303 15.09 -15.11 -17.71
CA ASP B 303 15.30 -15.69 -16.36
C ASP B 303 14.50 -17.00 -16.27
N LEU B 304 15.19 -18.12 -16.40
CA LEU B 304 14.55 -19.47 -16.31
C LEU B 304 14.72 -20.01 -14.88
N GLY B 305 15.20 -19.19 -13.95
CA GLY B 305 15.25 -19.49 -12.51
C GLY B 305 16.43 -20.37 -12.14
N ASP B 306 17.40 -20.52 -13.05
CA ASP B 306 18.58 -21.42 -12.87
C ASP B 306 19.27 -21.07 -11.55
N LEU B 307 19.40 -19.79 -11.22
CA LEU B 307 20.13 -19.30 -10.01
C LEU B 307 19.14 -19.04 -8.86
N SER B 308 17.89 -19.52 -8.94
CA SER B 308 16.90 -19.46 -7.83
C SER B 308 17.24 -20.57 -6.84
N PRO B 309 16.58 -20.63 -5.64
CA PRO B 309 16.96 -21.60 -4.61
C PRO B 309 16.62 -23.03 -5.03
N GLU B 310 15.42 -23.27 -5.55
CA GLU B 310 14.96 -24.59 -6.04
C GLU B 310 15.27 -24.76 -7.54
N GLY B 311 16.05 -23.85 -8.12
CA GLY B 311 16.58 -23.98 -9.50
C GLY B 311 15.54 -23.78 -10.59
N ARG B 312 15.91 -24.21 -11.79
CA ARG B 312 15.21 -23.97 -13.08
C ARG B 312 13.70 -24.13 -12.96
N PHE B 313 12.94 -23.20 -13.55
CA PHE B 313 11.46 -23.25 -13.63
C PHE B 313 11.06 -24.27 -14.69
N THR B 314 10.93 -25.54 -14.27
CA THR B 314 10.60 -26.66 -15.16
C THR B 314 9.22 -27.18 -14.77
N GLY B 315 8.29 -27.26 -15.72
CA GLY B 315 6.93 -27.80 -15.49
C GLY B 315 5.94 -26.75 -15.03
N LEU B 316 4.64 -27.03 -15.24
CA LEU B 316 3.51 -26.16 -14.84
C LEU B 316 3.58 -25.88 -13.34
N GLU B 317 3.99 -26.86 -12.53
CA GLU B 317 4.07 -26.73 -11.05
C GLU B 317 5.08 -25.63 -10.66
N SER B 318 6.10 -25.39 -11.47
CA SER B 318 7.11 -24.35 -11.15
C SER B 318 6.50 -22.94 -11.30
N ILE B 319 5.33 -22.79 -11.94
CA ILE B 319 4.74 -21.43 -12.19
C ILE B 319 4.39 -20.75 -10.85
N PHE B 320 3.94 -21.51 -9.85
CA PHE B 320 3.66 -20.96 -8.49
C PHE B 320 4.92 -20.31 -7.92
N ARG B 321 6.07 -20.99 -7.98
CA ARG B 321 7.38 -20.51 -7.45
C ARG B 321 7.90 -19.32 -8.29
N ALA B 322 7.68 -19.34 -9.60
CA ALA B 322 8.15 -18.32 -10.58
C ALA B 322 7.39 -16.99 -10.38
N VAL B 323 6.09 -17.04 -10.13
CA VAL B 323 5.26 -15.87 -9.72
C VAL B 323 5.83 -15.29 -8.42
N ASN B 324 6.24 -16.11 -7.43
CA ASN B 324 6.71 -15.61 -6.12
C ASN B 324 8.09 -14.98 -6.26
N TYR B 325 8.91 -15.53 -7.14
CA TYR B 325 10.24 -15.01 -7.51
C TYR B 325 10.10 -13.59 -8.06
N MET B 326 9.07 -13.36 -8.88
CA MET B 326 8.78 -12.02 -9.48
C MET B 326 8.46 -11.06 -8.34
N TYR B 327 7.51 -11.45 -7.47
CA TYR B 327 6.95 -10.57 -6.41
C TYR B 327 7.96 -10.44 -5.26
N MET B 328 9.05 -11.22 -5.25
CA MET B 328 10.20 -11.00 -4.32
C MET B 328 11.28 -10.11 -4.96
N GLY B 329 11.09 -9.63 -6.19
CA GLY B 329 12.03 -8.76 -6.93
C GLY B 329 13.33 -9.46 -7.32
N LYS B 330 13.34 -10.79 -7.46
CA LYS B 330 14.60 -11.55 -7.65
C LYS B 330 15.02 -11.67 -9.12
N ASN B 331 14.15 -11.44 -10.11
CA ASN B 331 14.48 -11.76 -11.54
C ASN B 331 15.32 -10.67 -12.19
N THR B 332 16.20 -11.07 -13.09
CA THR B 332 16.82 -10.21 -14.12
C THR B 332 16.36 -10.67 -15.50
N GLY B 333 15.73 -9.76 -16.26
CA GLY B 333 15.06 -10.06 -17.53
C GLY B 333 13.71 -10.74 -17.33
N LYS B 334 13.21 -11.35 -18.42
CA LYS B 334 11.87 -11.98 -18.52
C LYS B 334 11.86 -13.36 -17.83
N ILE B 335 11.00 -13.54 -16.82
CA ILE B 335 10.68 -14.86 -16.18
C ILE B 335 9.96 -15.77 -17.19
N VAL B 336 10.58 -16.90 -17.52
CA VAL B 336 10.02 -17.92 -18.46
C VAL B 336 10.03 -19.27 -17.75
N VAL B 337 9.01 -20.10 -18.01
CA VAL B 337 8.90 -21.49 -17.49
C VAL B 337 9.01 -22.44 -18.68
N GLU B 338 9.79 -23.50 -18.52
CA GLU B 338 10.03 -24.52 -19.56
C GLU B 338 9.11 -25.72 -19.29
N LEU B 339 8.41 -26.23 -20.31
CA LEU B 339 7.62 -27.50 -20.22
C LEU B 339 8.33 -28.56 -21.08
N PRO B 340 9.24 -29.40 -20.51
CA PRO B 340 10.09 -30.27 -21.33
C PRO B 340 9.40 -31.53 -21.88
#